data_6UCY
#
_entry.id   6UCY
#
_cell.length_a   36.061
_cell.length_b   73.852
_cell.length_c   95.610
_cell.angle_alpha   90.000
_cell.angle_beta   90.000
_cell.angle_gamma   90.000
#
_symmetry.space_group_name_H-M   'P 21 21 21'
#
loop_
_entity.id
_entity.type
_entity.pdbx_description
1 polymer 'Steroid Delta-isomerase'
2 non-polymer 4-ANDROSTENE-3-17-DIONE
3 non-polymer 'CHLORIDE ION'
4 non-polymer 'MAGNESIUM ION'
5 water water
#
_entity_poly.entity_id   1
_entity_poly.type   'polypeptide(L)'
_entity_poly.pdbx_seq_one_letter_code
;MNLPTAQEVQGLMARYIELVDVGDIEAIVQMYADDATVEDPFGQPPIHGREQIAAFYRQGLGGGKVRACLTGPVRASHNG
CGAMPFRVEMVWNGQPCALDVIDVMRFDEHGRIQTMQAYWSEVNLSVREPQ
;
_entity_poly.pdbx_strand_id   B,A
#
loop_
_chem_comp.id
_chem_comp.type
_chem_comp.name
_chem_comp.formula
ASD non-polymer 4-ANDROSTENE-3-17-DIONE 'C19 H26 O2'
CL non-polymer 'CHLORIDE ION' 'Cl -1'
MG non-polymer 'MAGNESIUM ION' 'Mg 2'
#
# COMPACT_ATOMS: atom_id res chain seq x y z
N MET A 1 2.29 2.58 24.73
N MET A 1 12.16 -4.82 21.65
CA MET A 1 2.38 2.61 23.23
CA MET A 1 11.47 -3.80 20.80
C MET A 1 3.79 2.89 22.76
C MET A 1 10.07 -3.54 21.35
N ASN A 2 4.68 1.93 23.01
N ASN A 2 9.68 -2.27 21.44
CA ASN A 2 6.03 2.00 22.48
CA ASN A 2 8.28 -1.93 21.71
C ASN A 2 6.09 1.12 21.23
C ASN A 2 7.62 -1.58 20.38
N LEU A 3 5.36 1.59 20.23
N LEU A 3 6.63 -0.69 20.38
CA LEU A 3 5.32 0.88 18.98
CA LEU A 3 6.02 -0.24 19.12
C LEU A 3 6.66 1.05 18.27
C LEU A 3 7.13 0.22 18.18
N PRO A 4 6.96 0.17 17.33
N PRO A 4 7.30 -0.39 17.00
CA PRO A 4 8.21 0.31 16.57
CA PRO A 4 8.44 -0.03 16.14
C PRO A 4 8.32 1.71 15.97
C PRO A 4 8.37 1.43 15.71
N THR A 5 9.55 2.21 15.90
N THR A 5 9.53 2.09 15.71
CA THR A 5 9.79 3.46 15.23
CA THR A 5 9.67 3.43 15.13
C THR A 5 9.52 3.27 13.73
C THR A 5 9.63 3.34 13.60
N ALA A 6 9.50 4.37 12.99
N ALA A 6 9.48 4.48 12.94
CA ALA A 6 9.37 4.31 11.53
CA ALA A 6 9.46 4.50 11.47
C ALA A 6 10.56 3.60 10.90
C ALA A 6 10.66 3.75 10.90
N GLN A 7 11.77 4.06 11.24
N GLN A 7 11.80 3.77 11.60
N GLN A 7 11.92 3.66 11.52
CA GLN A 7 12.99 3.35 10.85
CA GLN A 7 12.93 2.99 11.11
CA GLN A 7 13.11 3.04 10.99
C GLN A 7 12.89 1.87 11.14
C GLN A 7 12.80 1.51 11.48
C GLN A 7 13.03 1.52 11.09
N GLU A 8 12.31 1.51 12.29
N GLU A 8 12.26 1.19 12.66
N GLU A 8 12.55 1.04 12.22
CA GLU A 8 12.22 0.11 12.69
CA GLU A 8 12.02 -0.22 12.98
CA GLU A 8 12.47 -0.39 12.49
C GLU A 8 11.22 -0.69 11.83
C GLU A 8 10.98 -0.83 12.04
C GLU A 8 11.40 -1.04 11.63
N VAL A 9 9.97 -0.22 11.72
N VAL A 9 10.18 0.00 11.39
CA VAL A 9 8.97 -0.82 10.83
CA VAL A 9 9.22 -0.52 10.42
C VAL A 9 9.58 -1.11 9.48
C VAL A 9 9.91 -0.83 9.10
N GLN A 10 10.37 -0.18 8.97
N GLN A 10 10.77 0.06 8.60
CA GLN A 10 11.04 -0.42 7.70
CA GLN A 10 11.45 -0.21 7.33
C GLN A 10 11.87 -1.69 7.76
C GLN A 10 12.23 -1.52 7.39
N GLY A 11 12.60 -1.90 8.85
N GLY A 11 13.00 -1.74 8.45
N GLY A 11 12.94 -1.56 8.53
CA GLY A 11 13.39 -3.10 8.99
CA GLY A 11 13.82 -2.93 8.52
CA GLY A 11 13.68 -2.76 8.85
C GLY A 11 12.56 -4.37 9.08
C GLY A 11 12.99 -4.18 8.69
C GLY A 11 12.80 -3.91 9.28
N LEU A 12 11.46 -4.31 9.85
N LEU A 12 11.93 -4.10 9.51
CA LEU A 12 10.61 -5.49 10.01
CA LEU A 12 11.12 -5.29 9.74
C LEU A 12 9.96 -5.89 8.68
C LEU A 12 10.40 -5.72 8.47
N MET A 13 9.41 -4.92 7.97
N MET A 13 9.81 -4.77 7.75
CA MET A 13 8.74 -5.22 6.71
CA MET A 13 9.09 -5.12 6.54
C MET A 13 9.74 -5.75 5.70
C MET A 13 10.03 -5.63 5.45
N ALA A 14 10.96 -5.20 5.70
N ALA A 14 11.24 -5.08 5.34
CA ALA A 14 12.02 -5.71 4.83
CA ALA A 14 12.23 -5.66 4.43
C ALA A 14 12.40 -7.13 5.21
C ALA A 14 12.66 -7.05 4.86
N ARG A 15 12.46 -7.41 6.52
N ARG A 15 12.82 -7.25 6.17
N ARG A 15 12.50 -7.62 6.18
CA ARG A 15 12.81 -8.77 6.93
CA ARG A 15 13.14 -8.57 6.69
CA ARG A 15 12.77 -8.95 6.71
C ARG A 15 11.73 -9.77 6.54
C ARG A 15 12.06 -9.56 6.33
C ARG A 15 11.70 -9.97 6.33
N TYR A 16 10.49 -9.33 6.38
N TYR A 16 10.79 -9.17 6.53
CA TYR A 16 9.42 -10.22 5.93
CA TYR A 16 9.69 -10.04 6.14
C TYR A 16 9.61 -10.69 4.49
C TYR A 16 9.83 -10.46 4.69
N ILE A 17 9.94 -9.79 3.56
N ILE A 17 10.18 -9.51 3.81
CA ILE A 17 10.07 -10.17 2.17
CA ILE A 17 10.34 -9.87 2.40
C ILE A 17 11.22 -11.15 1.96
C ILE A 17 11.45 -10.89 2.23
N GLU A 18 12.38 -10.87 2.56
N GLU A 18 12.47 -10.84 3.10
N GLU A 18 12.52 -10.60 2.92
CA GLU A 18 13.49 -11.81 2.47
CA GLU A 18 13.54 -11.83 3.05
CA GLU A 18 13.67 -11.48 2.86
C GLU A 18 13.07 -13.22 2.85
C GLU A 18 13.05 -13.22 3.48
C GLU A 18 13.31 -12.90 3.25
N LEU A 19 12.24 -13.37 3.88
N LEU A 19 12.22 -13.29 4.52
N LEU A 19 12.49 -13.02 4.29
CA LEU A 19 11.80 -14.69 4.32
CA LEU A 19 11.69 -14.58 4.96
CA LEU A 19 12.05 -14.32 4.72
C LEU A 19 10.84 -15.31 3.34
C LEU A 19 10.77 -15.18 3.95
C LEU A 19 11.15 -15.02 3.70
N VAL A 20 10.00 -14.50 2.72
N VAL A 20 10.05 -14.35 3.22
CA VAL A 20 9.19 -15.00 1.62
CA VAL A 20 9.21 -14.85 2.15
C VAL A 20 10.10 -15.46 0.50
C VAL A 20 10.07 -15.42 1.03
N ASP A 21 11.16 -14.69 0.23
N ASP A 21 11.09 -14.68 0.60
CA ASP A 21 12.07 -14.97 -0.88
CA ASP A 21 11.84 -15.12 -0.57
C ASP A 21 12.85 -16.25 -0.64
C ASP A 21 12.60 -16.39 -0.28
N VAL A 22 13.30 -16.49 0.60
N VAL A 22 13.14 -16.53 0.94
CA VAL A 22 13.95 -17.77 0.85
CA VAL A 22 13.87 -17.73 1.32
C VAL A 22 12.94 -18.84 1.16
C VAL A 22 12.94 -18.89 1.53
N GLY A 23 11.88 -18.52 1.91
N GLY A 23 11.63 -18.65 1.71
CA GLY A 23 10.76 -19.43 2.06
CA GLY A 23 10.65 -19.70 1.83
C GLY A 23 10.78 -20.19 3.36
C GLY A 23 10.50 -20.33 3.19
N ASP A 24 11.01 -19.49 4.45
N ASP A 24 11.09 -19.75 4.23
CA ASP A 24 11.00 -20.08 5.78
CA ASP A 24 11.06 -20.35 5.57
C ASP A 24 9.64 -19.83 6.44
C ASP A 24 9.74 -19.98 6.23
N ILE A 25 8.72 -20.79 6.28
N ILE A 25 8.85 -20.98 6.34
N ILE A 25 8.91 -20.73 6.05
CA ILE A 25 7.35 -20.64 6.78
CA ILE A 25 7.47 -20.75 6.77
CA ILE A 25 7.53 -20.50 6.45
C ILE A 25 7.35 -20.37 8.27
C ILE A 25 7.41 -20.42 8.26
C ILE A 25 7.43 -20.44 7.95
N GLU A 26 7.90 -21.30 9.05
N GLU A 26 8.30 -21.04 9.07
N GLU A 26 8.22 -21.27 8.64
CA GLU A 26 7.91 -21.11 10.49
CA GLU A 26 8.18 -20.91 10.52
CA GLU A 26 8.26 -21.21 10.09
C GLU A 26 8.61 -19.79 10.86
C GLU A 26 8.58 -19.53 11.02
C GLU A 26 8.67 -19.82 10.56
N ALA A 27 9.61 -19.38 10.07
N ALA A 27 9.67 -18.98 10.49
N ALA A 27 9.73 -19.27 9.97
CA ALA A 27 10.25 -18.10 10.38
CA ALA A 27 10.08 -17.64 10.89
CA ALA A 27 10.23 -17.97 10.40
C ALA A 27 9.38 -16.92 9.99
C ALA A 27 9.07 -16.58 10.48
C ALA A 27 9.17 -16.87 10.18
N ILE A 28 8.58 -17.07 8.92
N ILE A 28 8.38 -16.77 9.34
N ILE A 28 8.43 -16.95 9.08
CA ILE A 28 7.57 -16.07 8.57
CA ILE A 28 7.33 -15.84 8.96
CA ILE A 28 7.39 -15.97 8.79
C ILE A 28 6.54 -15.97 9.68
C ILE A 28 6.19 -15.90 9.96
C ILE A 28 6.39 -15.90 9.94
N VAL A 29 6.01 -17.12 10.11
N VAL A 29 5.69 -17.11 10.23
CA VAL A 29 4.97 -17.13 11.15
CA VAL A 29 4.55 -17.21 11.13
C VAL A 29 5.47 -16.54 12.47
C VAL A 29 4.90 -16.65 12.50
N GLN A 30 6.75 -16.73 12.81
N GLN A 30 6.15 -16.82 12.93
CA GLN A 30 7.26 -16.18 14.06
CA GLN A 30 6.60 -16.27 14.20
C GLN A 30 7.19 -14.66 14.09
C GLN A 30 6.55 -14.74 14.23
N MET A 31 7.00 -14.00 12.95
N MET A 31 6.47 -14.09 13.06
CA MET A 31 6.89 -12.55 12.97
CA MET A 31 6.35 -12.63 12.97
C MET A 31 5.51 -12.03 13.39
C MET A 31 4.95 -12.15 13.35
N TYR A 32 4.49 -12.88 13.47
N TYR A 32 3.95 -13.03 13.31
N TYR A 32 4.60 -13.02 13.25
CA TYR A 32 3.16 -12.38 13.76
CA TYR A 32 2.56 -12.65 13.54
CA TYR A 32 3.19 -12.72 13.49
C TYR A 32 2.85 -12.42 15.25
C TYR A 32 2.22 -12.72 15.02
C TYR A 32 2.79 -12.93 14.95
N ALA A 33 2.00 -11.49 15.69
N ALA A 33 1.50 -11.70 15.49
N ALA A 33 1.95 -12.02 15.46
CA ALA A 33 1.47 -11.44 17.05
CA ALA A 33 0.98 -11.74 16.84
CA ALA A 33 1.43 -12.10 16.82
C ALA A 33 0.26 -12.36 17.22
C ALA A 33 0.05 -12.94 16.98
C ALA A 33 0.30 -13.11 16.88
N ASP A 34 -0.12 -12.61 18.47
N ASP A 34 0.07 -13.51 18.19
N ASP A 34 -0.41 -13.15 18.04
CA ASP A 34 -1.34 -13.38 18.73
CA ASP A 34 -0.79 -14.65 18.52
CA ASP A 34 -1.43 -14.13 18.39
C ASP A 34 -2.55 -12.67 18.13
C ASP A 34 -2.14 -14.47 17.87
C ASP A 34 -2.82 -13.77 17.87
N ASP A 35 -3.53 -13.47 17.68
N ASP A 35 -2.65 -13.25 17.93
N ASP A 35 -3.29 -12.54 18.12
CA ASP A 35 -4.83 -13.01 17.17
CA ASP A 35 -3.99 -12.91 17.45
CA ASP A 35 -4.56 -12.07 17.61
C ASP A 35 -4.72 -12.14 15.91
C ASP A 35 -3.96 -12.09 16.16
C ASP A 35 -4.41 -11.41 16.25
N ALA A 36 -3.65 -12.33 15.14
N ALA A 36 -2.89 -12.20 15.38
N ALA A 36 -3.33 -11.73 15.54
CA ALA A 36 -3.45 -11.54 13.94
CA ALA A 36 -2.80 -11.45 14.14
CA ALA A 36 -3.03 -11.13 14.25
C ALA A 36 -4.45 -11.92 12.86
C ALA A 36 -3.97 -11.77 13.20
C ALA A 36 -3.90 -11.74 13.16
N THR A 37 -4.78 -10.93 12.02
N THR A 37 -4.16 -10.92 12.19
N THR A 37 -4.21 -10.89 12.18
CA THR A 37 -5.65 -11.13 10.87
CA THR A 37 -5.00 -11.28 11.05
CA THR A 37 -5.05 -11.23 11.04
C THR A 37 -4.85 -10.86 9.61
C THR A 37 -4.31 -10.97 9.73
C THR A 37 -4.34 -11.01 9.70
N VAL A 38 -5.03 -11.72 8.61
N VAL A 38 -4.62 -11.81 8.73
CA VAL A 38 -4.39 -11.58 7.30
CA VAL A 38 -4.21 -11.67 7.33
C VAL A 38 -5.48 -11.56 6.24
C VAL A 38 -5.46 -11.45 6.48
N GLU A 39 -5.58 -10.43 5.53
N GLU A 39 -5.37 -10.47 5.56
CA GLU A 39 -6.53 -10.24 4.47
CA GLU A 39 -6.38 -10.26 4.51
C GLU A 39 -5.78 -10.37 3.14
C GLU A 39 -5.63 -10.21 3.20
N ASP A 40 -6.09 -11.43 2.40
N ASP A 40 -5.63 -11.28 2.45
CA ASP A 40 -5.40 -11.68 1.17
CA ASP A 40 -4.72 -11.45 1.32
C ASP A 40 -6.32 -12.36 0.17
C ASP A 40 -5.43 -12.40 0.37
N PRO A 41 -6.49 -11.83 -1.04
N PRO A 41 -6.02 -11.90 -0.73
CA PRO A 41 -6.15 -10.46 -1.41
CA PRO A 41 -6.08 -10.47 -1.10
C PRO A 41 -7.11 -9.65 -0.65
C PRO A 41 -7.07 -9.68 -0.29
N PHE A 42 -6.78 -8.39 -0.35
N PHE A 42 -6.78 -8.39 -0.16
N PHE A 42 -6.83 -8.43 -0.27
CA PHE A 42 -7.76 -7.51 0.24
CA PHE A 42 -7.75 -7.49 0.43
CA PHE A 42 -7.69 -7.58 0.54
C PHE A 42 -9.05 -7.63 -0.56
C PHE A 42 -9.03 -7.60 -0.36
C PHE A 42 -9.08 -7.55 -0.07
N GLY A 43 -10.15 -7.87 0.14
N GLY A 43 -10.15 -7.62 0.35
N GLY A 43 -10.09 -7.63 0.78
CA GLY A 43 -11.43 -8.19 -0.46
CA GLY A 43 -11.44 -8.00 -0.17
CA GLY A 43 -11.48 -7.73 0.37
C GLY A 43 -11.88 -9.61 -0.17
C GLY A 43 -11.95 -9.33 0.37
C GLY A 43 -12.10 -9.07 0.67
N GLN A 44 -10.98 -10.49 0.29
N GLN A 44 -11.06 -10.17 0.86
N GLN A 44 -11.29 -10.07 0.95
CA GLN A 44 -11.33 -11.82 0.75
CA GLN A 44 -11.43 -11.45 1.43
CA GLN A 44 -11.73 -11.39 1.33
C GLN A 44 -11.46 -11.86 2.26
C GLN A 44 -11.54 -11.33 2.96
C GLN A 44 -11.74 -11.49 2.85
N PRO A 45 -12.18 -12.84 2.80
N PRO A 45 -12.41 -12.12 3.60
N PRO A 45 -12.30 -12.57 3.41
CA PRO A 45 -12.42 -12.88 4.25
CA PRO A 45 -12.49 -12.06 5.07
CA PRO A 45 -12.42 -12.66 4.87
C PRO A 45 -11.11 -12.97 4.99
C PRO A 45 -11.16 -12.40 5.70
C PRO A 45 -11.07 -12.79 5.52
N PRO A 46 -10.99 -12.33 6.15
N PRO A 46 -10.87 -11.86 6.89
N PRO A 46 -10.89 -12.24 6.74
CA PRO A 46 -9.73 -12.38 6.89
CA PRO A 46 -9.57 -12.10 7.52
CA PRO A 46 -9.58 -12.30 7.40
C PRO A 46 -9.57 -13.68 7.62
C PRO A 46 -9.27 -13.58 7.83
C PRO A 46 -9.28 -13.68 7.98
N ILE A 47 -8.34 -14.14 7.68
N ILE A 47 -8.01 -13.80 8.15
N ILE A 47 -8.07 -14.15 7.73
CA ILE A 47 -8.01 -15.32 8.46
CA ILE A 47 -7.47 -15.08 8.63
CA ILE A 47 -7.55 -15.39 8.30
C ILE A 47 -7.32 -14.90 9.75
C ILE A 47 -6.90 -14.76 10.01
C ILE A 47 -7.03 -15.09 9.70
N HIS A 48 -7.32 -15.85 10.68
N HIS A 48 -7.13 -15.62 11.00
N HIS A 48 -7.50 -15.87 10.69
CA HIS A 48 -6.80 -15.63 12.01
CA HIS A 48 -6.83 -15.24 12.38
CA HIS A 48 -7.16 -15.69 12.11
C HIS A 48 -6.53 -17.01 12.59
C HIS A 48 -5.98 -16.30 13.05
C HIS A 48 -6.38 -16.90 12.61
N GLY A 49 -5.59 -17.05 13.54
N GLY A 49 -4.93 -15.88 13.73
N GLY A 49 -5.62 -16.71 13.68
CA GLY A 49 -5.14 -18.30 14.10
CA GLY A 49 -4.17 -16.75 14.61
CA GLY A 49 -4.92 -17.80 14.34
C GLY A 49 -3.77 -18.68 13.59
C GLY A 49 -3.10 -17.55 13.90
C GLY A 49 -3.66 -18.24 13.60
N ARG A 50 -2.79 -18.89 14.48
N ARG A 50 -2.23 -18.13 14.72
N ARG A 50 -2.77 -18.95 14.33
CA ARG A 50 -1.41 -19.10 14.08
CA ARG A 50 -1.05 -18.79 14.18
CA ARG A 50 -1.46 -19.28 13.80
C ARG A 50 -1.29 -20.27 13.11
C ARG A 50 -1.42 -19.92 13.24
C ARG A 50 -1.46 -20.52 12.92
N GLU A 51 -2.12 -21.31 13.30
N GLU A 51 -2.25 -20.87 13.71
N GLU A 51 -2.32 -21.51 13.21
CA GLU A 51 -2.06 -22.48 12.44
CA GLU A 51 -2.47 -22.04 12.90
CA GLU A 51 -2.42 -22.66 12.32
C GLU A 51 -2.61 -22.18 11.05
C GLU A 51 -2.97 -21.66 11.52
C GLU A 51 -2.99 -22.26 10.96
N GLN A 52 -3.71 -21.44 10.97
N GLN A 52 -3.96 -20.77 11.47
N GLN A 52 -3.92 -21.30 10.95
CA GLN A 52 -4.30 -21.11 9.68
CA GLN A 52 -4.53 -20.41 10.18
CA GLN A 52 -4.43 -20.77 9.69
C GLN A 52 -3.41 -20.17 8.87
C GLN A 52 -3.55 -19.59 9.35
C GLN A 52 -3.35 -19.95 8.97
N ILE A 53 -2.61 -19.33 9.55
N ILE A 53 -2.76 -18.73 10.00
N ILE A 53 -2.77 -18.97 9.67
CA ILE A 53 -1.64 -18.46 8.87
CA ILE A 53 -1.73 -18.02 9.26
CA ILE A 53 -1.74 -18.13 9.05
C ILE A 53 -0.44 -19.26 8.39
C ILE A 53 -0.68 -18.99 8.73
C ILE A 53 -0.67 -19.00 8.43
N ALA A 54 0.07 -20.19 9.20
N ALA A 54 -0.43 -20.09 9.43
CA ALA A 54 0.99 -21.15 8.61
CA ALA A 54 0.66 -20.98 9.01
C ALA A 54 0.31 -21.90 7.47
C ALA A 54 0.33 -21.73 7.72
N ALA A 55 -0.97 -22.25 7.68
N ALA A 55 -0.89 -22.28 7.61
CA ALA A 55 -1.71 -22.95 6.65
CA ALA A 55 -1.24 -23.00 6.40
C ALA A 55 -1.78 -22.11 5.38
C ALA A 55 -1.30 -22.07 5.20
N PHE A 56 -2.14 -20.84 5.53
N PHE A 56 -1.60 -20.79 5.44
N PHE A 56 -1.89 -21.06 5.05
CA PHE A 56 -2.18 -19.96 4.37
CA PHE A 56 -1.62 -19.76 4.40
CA PHE A 56 -1.84 -19.97 4.09
C PHE A 56 -0.82 -19.87 3.69
C PHE A 56 -0.27 -19.72 3.67
C PHE A 56 -0.40 -19.79 3.59
N TYR A 57 0.24 -19.75 4.49
N TYR A 57 0.83 -19.61 4.43
CA TYR A 57 1.58 -19.64 3.93
CA TYR A 57 2.17 -19.57 3.81
C TYR A 57 2.08 -20.95 3.33
C TYR A 57 2.61 -20.93 3.28
N ARG A 58 1.75 -22.08 3.95
N ARG A 58 2.17 -22.03 3.92
N ARG A 58 1.61 -22.22 3.98
CA ARG A 58 2.15 -23.35 3.36
CA ARG A 58 2.45 -23.36 3.40
CA ARG A 58 2.23 -23.37 3.32
C ARG A 58 1.51 -23.54 1.99
C ARG A 58 1.84 -23.54 2.01
C ARG A 58 1.67 -23.56 1.92
N GLN A 59 0.29 -23.04 1.81
N GLN A 59 0.54 -23.20 1.88
N GLN A 59 0.40 -23.22 1.75
N GLN A 59 0.77 -23.18 1.89
CA GLN A 59 -0.37 -23.15 0.51
CA GLN A 59 -0.14 -23.30 0.60
CA GLN A 59 -0.23 -23.31 0.45
CA GLN A 59 0.11 -23.31 0.60
C GLN A 59 0.31 -22.28 -0.54
C GLN A 59 0.48 -22.36 -0.43
C GLN A 59 0.54 -22.47 -0.57
C GLN A 59 0.52 -22.19 -0.36
N GLY A 60 0.80 -21.10 -0.15
N GLY A 60 0.75 -21.11 -0.03
CA GLY A 60 1.28 -20.13 -1.11
CA GLY A 60 1.30 -20.15 -0.96
C GLY A 60 2.73 -20.28 -1.56
C GLY A 60 2.75 -20.43 -1.34
N LEU A 61 3.60 -20.77 -0.67
N LEU A 61 3.57 -20.84 -0.36
CA LEU A 61 5.01 -20.91 -0.97
CA LEU A 61 5.01 -20.94 -0.54
C LEU A 61 5.46 -22.36 -1.11
C LEU A 61 5.57 -22.34 -0.51
N GLY A 62 4.60 -23.32 -0.76
N GLY A 62 4.69 -23.33 -0.32
CA GLY A 62 4.99 -24.71 -0.62
CA GLY A 62 5.02 -24.78 -0.34
C GLY A 62 6.10 -25.19 -1.53
C GLY A 62 4.63 -25.32 -1.72
N GLY A 63 5.92 -25.03 -2.84
N GLY A 63 5.50 -26.07 -2.45
CA GLY A 63 6.81 -25.64 -3.82
CA GLY A 63 5.24 -26.60 -3.81
C GLY A 63 8.27 -25.23 -3.68
C GLY A 63 5.32 -25.51 -4.92
N GLY A 64 8.55 -24.08 -3.07
N GLY A 64 6.44 -25.46 -5.67
CA GLY A 64 9.90 -23.56 -3.00
CA GLY A 64 6.68 -24.46 -6.73
C GLY A 64 10.34 -22.72 -4.18
C GLY A 64 7.37 -23.28 -6.06
N LYS A 65 9.47 -22.52 -5.18
N LYS A 65 8.62 -22.95 -6.52
CA LYS A 65 9.82 -21.78 -6.40
CA LYS A 65 9.38 -21.86 -5.92
C LYS A 65 9.18 -20.39 -6.46
C LYS A 65 8.76 -20.50 -6.24
N VAL A 66 8.68 -19.88 -5.35
N VAL A 66 8.98 -19.57 -5.32
N VAL A 66 8.60 -19.89 -5.34
CA VAL A 66 8.24 -18.48 -5.28
CA VAL A 66 8.35 -18.25 -5.35
CA VAL A 66 8.13 -18.51 -5.31
C VAL A 66 9.45 -17.63 -4.96
C VAL A 66 9.38 -17.24 -4.83
C VAL A 66 9.24 -17.61 -4.85
N ARG A 67 9.61 -16.54 -5.68
N ARG A 67 9.85 -16.35 -5.70
N ARG A 67 9.48 -16.56 -5.60
CA ARG A 67 10.55 -15.52 -5.28
CA ARG A 67 10.81 -15.33 -5.35
CA ARG A 67 10.47 -15.57 -5.23
C ARG A 67 9.77 -14.25 -5.02
C ARG A 67 10.11 -13.99 -5.16
C ARG A 67 9.73 -14.25 -4.92
N ALA A 68 10.29 -13.44 -4.10
N ALA A 68 10.57 -13.23 -4.18
CA ALA A 68 9.73 -12.12 -3.85
CA ALA A 68 9.96 -11.96 -3.83
C ALA A 68 10.83 -11.10 -3.57
C ALA A 68 11.04 -10.93 -3.70
N CYS A 69 10.70 -9.95 -4.22
N CYS A 69 10.69 -9.66 -3.90
N CYS A 69 10.57 -9.77 -4.43
N CYS A 69 10.78 -9.78 -3.99
CA CYS A 69 11.65 -8.85 -4.13
CA CYS A 69 11.70 -8.63 -3.71
CA CYS A 69 11.55 -8.72 -4.14
CA CYS A 69 11.73 -8.71 -3.80
C CYS A 69 10.86 -7.55 -3.99
C CYS A 69 11.00 -7.29 -3.68
C CYS A 69 10.91 -7.31 -4.09
C CYS A 69 10.96 -7.39 -3.77
N LEU A 70 11.43 -6.60 -3.25
N LEU A 70 11.38 -6.46 -2.70
N LEU A 70 11.41 -6.49 -3.15
CA LEU A 70 10.87 -5.26 -3.22
CA LEU A 70 10.93 -5.07 -2.73
CA LEU A 70 10.98 -5.10 -3.06
C LEU A 70 11.13 -4.60 -4.56
C LEU A 70 11.28 -4.42 -4.06
C LEU A 70 11.23 -4.41 -4.38
N THR A 71 10.24 -3.70 -4.94
N THR A 71 10.32 -3.65 -4.59
N THR A 71 10.24 -3.66 -4.84
CA THR A 71 10.44 -2.84 -6.10
CA THR A 71 10.46 -2.90 -5.83
CA THR A 71 10.39 -2.86 -6.05
C THR A 71 10.76 -1.40 -5.72
C THR A 71 10.40 -1.40 -5.58
C THR A 71 10.49 -1.38 -5.69
N GLY A 72 10.49 -1.00 -4.49
N GLY A 72 10.64 -1.00 -4.32
CA GLY A 72 10.80 0.32 -4.03
CA GLY A 72 10.70 0.36 -3.88
C GLY A 72 10.80 0.34 -2.53
C GLY A 72 10.88 0.41 -2.38
N PRO A 73 11.11 1.48 -1.93
N PRO A 73 10.99 1.60 -1.81
CA PRO A 73 11.33 1.47 -0.48
CA PRO A 73 11.20 1.73 -0.37
C PRO A 73 10.05 1.35 0.32
C PRO A 73 9.95 1.35 0.44
N VAL A 74 10.23 0.78 1.51
N VAL A 74 10.19 0.95 1.69
CA VAL A 74 9.15 0.74 2.48
CA VAL A 74 9.12 0.78 2.66
C VAL A 74 8.80 2.15 2.91
C VAL A 74 8.70 2.16 3.14
N ARG A 75 7.49 2.44 2.94
N ARG A 75 7.42 2.47 3.02
CA ARG A 75 6.94 3.64 3.57
CA ARG A 75 6.86 3.72 3.46
C ARG A 75 6.52 3.24 4.98
C ARG A 75 6.38 3.50 4.88
N ALA A 76 6.83 4.08 5.95
N ALA A 76 6.96 4.21 5.82
CA ALA A 76 6.52 3.78 7.33
CA ALA A 76 6.73 3.96 7.23
C ALA A 76 6.03 5.05 8.03
C ALA A 76 5.96 5.11 7.90
N SER A 77 4.94 4.90 8.77
N SER A 77 5.15 4.74 8.90
N SER A 77 5.04 4.97 8.73
CA SER A 77 4.40 5.96 9.59
CA SER A 77 4.41 5.71 9.71
CA SER A 77 4.42 5.97 9.59
C SER A 77 5.09 5.94 10.95
C SER A 77 5.04 5.76 11.10
C SER A 77 5.05 6.02 10.99
N HIS A 78 4.62 6.79 11.87
N HIS A 78 4.66 6.81 11.83
N HIS A 78 4.40 6.81 11.86
CA HIS A 78 5.11 6.83 13.23
CA HIS A 78 5.04 6.98 13.24
CA HIS A 78 4.74 6.93 13.28
C HIS A 78 4.18 6.15 14.23
C HIS A 78 4.09 6.27 14.20
C HIS A 78 3.66 6.35 14.19
N ASN A 79 3.05 5.60 13.79
N ASN A 79 3.19 5.41 13.71
N ASN A 79 2.76 5.51 13.65
CA ASN A 79 2.22 4.77 14.64
CA ASN A 79 2.26 4.69 14.57
CA ASN A 79 1.74 4.84 14.43
C ASN A 79 2.42 3.29 14.38
C ASN A 79 2.31 3.19 14.32
C ASN A 79 1.83 3.32 14.27
N GLY A 80 3.63 2.89 13.98
N GLY A 80 3.50 2.65 14.03
N GLY A 80 3.05 2.80 14.04
CA GLY A 80 3.94 1.48 13.86
CA GLY A 80 3.70 1.22 13.98
CA GLY A 80 3.26 1.37 13.96
C GLY A 80 3.39 0.80 12.63
C GLY A 80 3.19 0.57 12.71
C GLY A 80 2.73 0.70 12.71
N CYS A 81 3.09 1.54 11.57
N CYS A 81 3.00 1.34 11.65
N CYS A 81 2.51 1.45 11.63
CA CYS A 81 2.54 0.97 10.35
CA CYS A 81 2.46 0.83 10.39
CA CYS A 81 2.01 0.91 10.38
C CYS A 81 3.39 1.39 9.16
C CYS A 81 3.45 1.08 9.26
C CYS A 81 2.94 1.23 9.23
N GLY A 82 3.34 0.55 8.12
N GLY A 82 3.28 0.29 8.19
N GLY A 82 2.75 0.50 8.14
CA GLY A 82 4.00 0.90 6.88
CA GLY A 82 4.05 0.53 6.99
CA GLY A 82 3.58 0.69 6.96
C GLY A 82 3.39 0.10 5.75
C GLY A 82 3.31 0.01 5.79
C GLY A 82 2.94 0.09 5.73
N ALA A 83 3.67 0.53 4.54
N ALA A 83 3.85 0.34 4.62
CA ALA A 83 3.24 -0.15 3.34
CA ALA A 83 3.36 -0.12 3.32
C ALA A 83 4.41 -0.25 2.36
C ALA A 83 4.56 -0.34 2.44
N MET A 84 4.52 -1.41 1.69
N MET A 84 4.52 -1.34 1.57
N MET A 84 4.44 -1.38 1.58
CA MET A 84 5.64 -1.68 0.82
CA MET A 84 5.64 -1.49 0.65
CA MET A 84 5.58 -1.70 0.74
C MET A 84 5.18 -2.22 -0.52
C MET A 84 5.17 -2.15 -0.64
C MET A 84 5.15 -2.25 -0.60
N PRO A 85 5.91 -1.90 -1.61
N PRO A 85 5.80 -1.82 -1.79
CA PRO A 85 5.67 -2.47 -2.95
CA PRO A 85 5.55 -2.53 -3.05
C PRO A 85 6.64 -3.57 -3.30
C PRO A 85 6.60 -3.57 -3.31
N PHE A 86 6.12 -4.72 -3.73
N PHE A 86 6.20 -4.63 -4.01
CA PHE A 86 6.98 -5.80 -4.11
CA PHE A 86 7.13 -5.70 -4.26
C PHE A 86 6.44 -6.55 -5.33
C PHE A 86 6.51 -6.60 -5.30
N ARG A 87 7.16 -7.58 -5.72
N ARG A 87 7.35 -7.41 -5.91
N ARG A 87 7.31 -7.39 -5.96
CA ARG A 87 6.84 -8.41 -6.88
CA ARG A 87 6.92 -8.35 -6.92
CA ARG A 87 7.05 -8.23 -7.12
C ARG A 87 7.07 -9.87 -6.52
C ARG A 87 7.23 -9.77 -6.44
C ARG A 87 7.36 -9.65 -6.75
N VAL A 88 6.10 -10.71 -6.83
N VAL A 88 6.35 -10.68 -6.78
N VAL A 88 6.38 -10.52 -6.91
CA VAL A 88 6.18 -12.14 -6.61
CA VAL A 88 6.64 -12.11 -6.66
CA VAL A 88 6.55 -11.96 -6.77
C VAL A 88 6.38 -12.80 -7.96
C VAL A 88 6.74 -12.68 -8.05
C VAL A 88 6.74 -12.56 -8.15
N GLU A 89 7.33 -13.74 -8.04
N GLU A 89 7.73 -13.54 -8.26
CA GLU A 89 7.56 -14.54 -9.25
CA GLU A 89 7.88 -14.31 -9.49
C GLU A 89 7.21 -16.00 -8.96
C GLU A 89 7.58 -15.77 -9.17
N MET A 90 6.50 -16.63 -9.89
N MET A 90 6.77 -16.40 -10.02
CA MET A 90 6.05 -18.02 -9.73
CA MET A 90 6.30 -17.75 -9.73
C MET A 90 5.60 -18.54 -11.08
C MET A 90 5.97 -18.42 -11.06
N VAL A 91 5.40 -19.85 -11.18
N VAL A 91 5.53 -19.67 -10.96
N VAL A 91 5.89 -19.87 -11.02
CA VAL A 91 4.83 -20.47 -12.38
CA VAL A 91 5.05 -20.45 -12.09
CA VAL A 91 5.27 -20.63 -12.09
C VAL A 91 3.34 -20.67 -12.15
C VAL A 91 3.56 -20.65 -11.89
C VAL A 91 3.82 -20.93 -11.77
N TRP A 92 2.53 -20.32 -13.15
N TRP A 92 2.78 -20.29 -12.89
N TRP A 92 2.92 -20.55 -12.66
CA TRP A 92 1.11 -20.53 -13.06
CA TRP A 92 1.36 -20.59 -12.88
CA TRP A 92 1.49 -20.77 -12.51
C TRP A 92 0.66 -20.83 -14.47
C TRP A 92 0.93 -21.01 -14.27
C TRP A 92 1.12 -21.85 -13.53
N ASN A 93 -0.23 -21.81 -14.60
N ASN A 93 0.16 -22.09 -14.33
N ASN A 93 0.98 -23.08 -13.05
CA ASN A 93 -0.71 -22.26 -15.90
CA ASN A 93 -0.30 -22.66 -15.60
CA ASN A 93 0.77 -24.25 -13.89
C ASN A 93 0.43 -22.59 -16.85
C ASN A 93 0.88 -23.04 -16.49
C ASN A 93 1.91 -24.44 -14.89
N GLY A 94 1.50 -23.17 -16.32
N GLY A 94 1.87 -23.69 -15.89
N GLY A 94 1.96 -23.59 -15.92
CA GLY A 94 2.67 -23.51 -17.11
CA GLY A 94 3.02 -24.18 -16.61
CA GLY A 94 2.93 -23.76 -16.98
C GLY A 94 3.47 -22.33 -17.64
C GLY A 94 4.04 -23.15 -17.00
C GLY A 94 3.80 -22.56 -17.28
N GLN A 95 3.21 -21.11 -17.17
N GLN A 95 3.73 -21.85 -16.87
N GLN A 95 3.28 -21.36 -17.01
CA GLN A 95 3.81 -19.92 -17.70
CA GLN A 95 4.66 -20.85 -17.34
CA GLN A 95 3.99 -20.16 -17.45
C GLN A 95 4.70 -19.27 -16.63
C GLN A 95 5.03 -19.89 -16.22
C GLN A 95 4.80 -19.56 -16.30
N PRO A 96 5.83 -18.69 -17.03
N PRO A 96 6.23 -19.34 -16.25
N PRO A 96 5.96 -18.98 -16.60
CA PRO A 96 6.59 -17.86 -16.09
CA PRO A 96 6.62 -18.35 -15.24
CA PRO A 96 6.67 -18.16 -15.62
C PRO A 96 5.78 -16.61 -15.84
C PRO A 96 5.75 -17.11 -15.29
C PRO A 96 6.05 -16.78 -15.55
N CYS A 97 5.32 -16.43 -14.60
N CYS A 97 5.47 -16.56 -14.11
N CYS A 97 5.48 -16.45 -14.38
CA CYS A 97 4.41 -15.36 -14.21
CA CYS A 97 4.59 -15.40 -13.94
CA CYS A 97 4.68 -15.25 -14.17
C CYS A 97 5.05 -14.47 -13.16
C CYS A 97 5.30 -14.31 -13.13
C CYS A 97 5.26 -14.39 -13.04
N ALA A 98 4.47 -13.29 -12.97
N ALA A 98 4.72 -13.09 -13.17
CA ALA A 98 4.85 -12.37 -11.90
CA ALA A 98 5.09 -12.02 -12.24
C ALA A 98 3.56 -11.72 -11.44
C ALA A 98 3.80 -11.41 -11.70
N LEU A 99 3.66 -11.09 -10.27
N LEU A 99 3.83 -11.06 -10.42
N LEU A 99 3.58 -11.37 -10.16
CA LEU A 99 2.49 -10.48 -9.65
CA LEU A 99 2.66 -10.46 -9.79
CA LEU A 99 2.46 -10.67 -9.53
C LEU A 99 3.03 -9.39 -8.74
C LEU A 99 3.13 -9.28 -8.97
C LEU A 99 2.95 -9.41 -8.83
N ASP A 100 2.78 -8.13 -9.11
N ASP A 100 2.39 -8.19 -9.07
N ASP A 100 2.29 -8.28 -9.08
CA ASP A 100 3.09 -6.95 -8.31
CA ASP A 100 2.71 -6.99 -8.32
CA ASP A 100 2.60 -7.01 -8.40
C ASP A 100 2.08 -6.78 -7.19
C ASP A 100 1.74 -6.83 -7.16
C ASP A 100 1.76 -6.88 -7.13
N VAL A 101 2.56 -6.50 -5.98
N VAL A 101 2.28 -6.64 -5.94
N VAL A 101 2.39 -6.44 -6.02
CA VAL A 101 1.72 -6.49 -4.78
CA VAL A 101 1.50 -6.62 -4.71
CA VAL A 101 1.75 -6.48 -4.72
C VAL A 101 2.19 -5.37 -3.85
C VAL A 101 1.95 -5.42 -3.89
C VAL A 101 2.15 -5.25 -3.91
N ILE A 102 1.24 -4.76 -3.14
N ILE A 102 1.04 -4.87 -3.08
N ILE A 102 1.25 -4.78 -3.04
CA ILE A 102 1.52 -3.88 -2.01
CA ILE A 102 1.40 -3.97 -1.98
CA ILE A 102 1.60 -3.82 -1.98
C ILE A 102 0.98 -4.54 -0.75
C ILE A 102 0.83 -4.54 -0.70
C ILE A 102 1.04 -4.35 -0.66
N ASP A 103 1.82 -4.62 0.29
N ASP A 103 1.69 -4.75 0.31
N ASP A 103 1.92 -4.52 0.33
CA ASP A 103 1.42 -5.14 1.58
CA ASP A 103 1.20 -5.07 1.64
CA ASP A 103 1.50 -4.96 1.65
C ASP A 103 1.43 -4.00 2.59
C ASP A 103 1.23 -3.84 2.53
C ASP A 103 1.35 -3.76 2.57
N VAL A 104 0.34 -3.87 3.32
N VAL A 104 0.21 -3.74 3.38
CA VAL A 104 0.19 -2.89 4.39
CA VAL A 104 0.07 -2.78 4.47
C VAL A 104 0.20 -3.65 5.70
C VAL A 104 0.09 -3.58 5.76
N MET A 105 0.95 -3.15 6.68
N MET A 105 1.01 -3.27 6.66
CA MET A 105 1.08 -3.84 7.95
CA MET A 105 1.14 -3.97 7.92
C MET A 105 0.93 -2.87 9.11
C MET A 105 1.03 -2.99 9.08
N ARG A 106 0.53 -3.43 10.24
N ARG A 106 0.18 -3.38 10.07
N ARG A 106 0.56 -3.54 10.27
CA ARG A 106 0.60 -2.76 11.52
CA ARG A 106 0.11 -2.77 11.39
CA ARG A 106 0.42 -2.79 11.51
C ARG A 106 1.30 -3.71 12.47
C ARG A 106 0.75 -3.72 12.38
C ARG A 106 1.13 -3.54 12.62
N PHE A 107 2.25 -3.19 13.24
N PHE A 107 1.65 -3.18 13.18
N PHE A 107 2.18 -2.97 13.20
CA PHE A 107 2.99 -3.98 14.21
CA PHE A 107 2.36 -3.92 14.20
CA PHE A 107 2.94 -3.62 14.27
C PHE A 107 2.55 -3.61 15.63
C PHE A 107 1.81 -3.58 15.59
C PHE A 107 2.45 -3.25 15.67
N ASP A 108 2.87 -4.49 16.58
N ASP A 108 2.13 -4.45 16.53
CA ASP A 108 2.52 -4.27 17.98
CA ASP A 108 1.76 -4.20 17.92
C ASP A 108 3.74 -3.77 18.73
C ASP A 108 2.95 -3.71 18.75
N GLU A 109 3.51 -3.40 19.98
N GLU A 109 2.75 -3.69 20.07
CA GLU A 109 4.59 -2.88 20.83
CA GLU A 109 3.67 -3.09 21.02
C GLU A 109 5.70 -3.91 20.98
C GLU A 109 4.95 -3.89 21.24
N HIS A 110 5.38 -5.18 20.72
N HIS A 110 5.18 -5.00 20.54
CA HIS A 110 6.30 -6.30 20.76
CA HIS A 110 6.44 -5.75 20.62
C HIS A 110 7.04 -6.52 19.42
C HIS A 110 7.09 -5.97 19.26
N GLY A 111 6.90 -5.59 18.47
N GLY A 111 6.58 -5.33 18.23
CA GLY A 111 7.62 -5.71 17.20
CA GLY A 111 7.13 -5.55 16.91
C GLY A 111 7.06 -6.74 16.24
C GLY A 111 6.61 -6.79 16.23
N ARG A 112 5.95 -7.36 16.58
N ARG A 112 5.40 -7.23 16.54
N ARG A 112 5.54 -7.31 16.62
CA ARG A 112 5.35 -8.42 15.79
CA ARG A 112 4.79 -8.36 15.85
CA ARG A 112 4.95 -8.40 15.85
C ARG A 112 4.26 -7.84 14.91
C ARG A 112 3.58 -7.91 15.01
C ARG A 112 3.77 -7.89 15.03
N ILE A 113 3.95 -8.53 13.82
N ILE A 113 3.30 -8.69 13.97
N ILE A 113 3.51 -8.56 13.91
CA ILE A 113 2.89 -8.10 12.91
CA ILE A 113 2.31 -8.31 12.95
CA ILE A 113 2.50 -8.07 12.99
C ILE A 113 1.53 -8.39 13.52
C ILE A 113 0.92 -8.56 13.49
C ILE A 113 1.11 -8.17 13.61
N GLN A 114 0.69 -7.34 13.67
N GLN A 114 0.15 -7.48 13.69
CA GLN A 114 -0.67 -7.46 14.15
CA GLN A 114 -1.23 -7.50 14.15
C GLN A 114 -1.70 -7.66 13.03
C GLN A 114 -2.21 -7.53 13.00
N THR A 115 -1.60 -6.90 11.93
N THR A 115 -1.91 -6.80 11.93
CA THR A 115 -2.46 -7.08 10.74
CA THR A 115 -2.75 -6.76 10.74
C THR A 115 -1.60 -7.00 9.49
C THR A 115 -1.86 -6.73 9.51
N MET A 116 -1.94 -7.84 8.51
N MET A 116 -2.15 -7.61 8.55
CA MET A 116 -1.33 -7.81 7.19
CA MET A 116 -1.56 -7.55 7.22
C MET A 116 -2.46 -7.68 6.17
C MET A 116 -2.69 -7.58 6.21
N GLN A 117 -2.47 -6.60 5.36
N GLN A 117 -2.49 -6.83 5.12
CA GLN A 117 -3.46 -6.38 4.31
CA GLN A 117 -3.42 -6.72 4.02
C GLN A 117 -2.77 -6.28 2.96
C GLN A 117 -2.60 -6.64 2.76
N ALA A 118 -3.16 -7.13 2.04
N ALA A 118 -2.99 -7.40 1.75
N ALA A 118 -2.86 -7.51 1.85
CA ALA A 118 -2.44 -7.27 0.77
CA ALA A 118 -2.30 -7.45 0.47
CA ALA A 118 -2.10 -7.61 0.61
C ALA A 118 -3.33 -6.79 -0.36
C ALA A 118 -3.26 -6.98 -0.61
C ALA A 118 -2.99 -7.17 -0.54
N TYR A 119 -2.76 -5.96 -1.23
N TYR A 119 -2.90 -5.89 -1.28
N TYR A 119 -2.62 -6.05 -1.18
CA TYR A 119 -3.49 -5.37 -2.34
CA TYR A 119 -3.64 -5.38 -2.41
CA TYR A 119 -3.34 -5.51 -2.32
C TYR A 119 -2.88 -5.90 -3.63
C TYR A 119 -3.03 -5.93 -3.69
C TYR A 119 -2.76 -5.99 -3.63
N TRP A 120 -3.69 -6.61 -4.40
N TRP A 120 -3.80 -6.76 -4.39
CA TRP A 120 -3.38 -7.19 -5.70
CA TRP A 120 -3.48 -7.22 -5.74
C TRP A 120 -4.65 -7.85 -6.20
C TRP A 120 -4.74 -7.81 -6.36
N SER A 121 -4.72 -8.00 -7.51
N SER A 121 -4.73 -7.92 -7.69
CA SER A 121 -5.72 -8.85 -8.12
CA SER A 121 -5.73 -8.68 -8.42
C SER A 121 -5.16 -9.34 -9.44
C SER A 121 -5.11 -9.19 -9.72
N GLU A 122 -6.01 -10.01 -10.21
N GLU A 122 -5.94 -9.80 -10.55
CA GLU A 122 -5.56 -10.59 -11.47
CA GLU A 122 -5.40 -10.39 -11.77
C GLU A 122 -5.09 -9.55 -12.47
C GLU A 122 -4.93 -9.33 -12.75
N VAL A 123 -5.51 -8.27 -12.31
N VAL A 123 -5.34 -8.07 -12.60
CA VAL A 123 -4.96 -7.19 -13.13
CA VAL A 123 -4.78 -7.07 -13.47
C VAL A 123 -3.47 -7.00 -12.95
C VAL A 123 -3.30 -6.93 -13.19
N ASN A 124 -2.90 -7.47 -11.83
N ASN A 124 -2.87 -7.37 -12.00
CA ASN A 124 -1.48 -7.30 -11.53
CA ASN A 124 -1.48 -7.27 -11.53
C ASN A 124 -0.63 -8.51 -11.93
C ASN A 124 -0.65 -8.51 -11.87
N LEU A 125 -1.27 -9.56 -12.47
N LEU A 125 -1.15 -9.37 -12.77
CA LEU A 125 -0.59 -10.76 -12.99
CA LEU A 125 -0.47 -10.57 -13.25
C LEU A 125 -0.11 -10.54 -14.43
C LEU A 125 0.20 -10.28 -14.59
N SER A 126 1.10 -11.03 -14.72
N SER A 126 1.41 -10.80 -14.77
N SER A 126 1.33 -10.74 -14.59
CA SER A 126 1.68 -10.88 -16.07
CA SER A 126 2.06 -10.74 -16.07
CA SER A 126 1.93 -10.86 -15.90
C SER A 126 2.66 -12.02 -16.35
C SER A 126 2.78 -12.05 -16.34
C SER A 126 2.36 -12.31 -16.17
N VAL A 127 3.11 -12.09 -17.62
N VAL A 127 2.46 -12.69 -17.47
CA VAL A 127 4.01 -13.15 -18.09
CA VAL A 127 3.33 -13.73 -18.02
C VAL A 127 5.37 -12.54 -18.33
C VAL A 127 4.65 -13.08 -18.39
N ARG A 128 6.41 -13.21 -17.85
N ARG A 128 5.75 -13.63 -17.87
CA ARG A 128 7.75 -12.68 -17.96
CA ARG A 128 7.08 -13.02 -18.02
C ARG A 128 8.31 -12.89 -19.35
C ARG A 128 7.66 -13.21 -19.42
N GLU A 129 8.96 -11.86 -19.87
N GLU A 129 8.72 -12.43 -19.72
CA GLU A 129 9.60 -11.97 -21.17
CA GLU A 129 9.43 -12.46 -20.99
C GLU A 129 10.66 -13.07 -21.14
C GLU A 129 10.43 -13.61 -21.04
N PRO A 130 10.98 -13.65 -22.30
N PRO A 130 10.88 -14.01 -22.25
CA PRO A 130 11.91 -14.79 -22.35
CA PRO A 130 11.81 -15.14 -22.36
C PRO A 130 13.32 -14.44 -21.86
C PRO A 130 13.22 -14.80 -21.89
N MET B 1 -20.55 5.75 -13.30
N MET B 1 -19.66 3.56 -13.40
CA MET B 1 -19.78 4.54 -12.88
CA MET B 1 -19.94 4.61 -12.37
C MET B 1 -20.39 3.94 -11.63
C MET B 1 -20.62 4.01 -11.11
N ASN B 2 -20.43 2.61 -11.58
N ASN B 2 -20.46 2.70 -10.93
CA ASN B 2 -20.84 1.89 -10.38
CA ASN B 2 -20.87 1.99 -9.72
C ASN B 2 -19.61 1.70 -9.50
C ASN B 2 -19.67 1.74 -8.82
N LEU B 3 -19.63 0.74 -8.59
N LEU B 3 -19.68 0.68 -7.99
CA LEU B 3 -18.41 0.47 -7.83
CA LEU B 3 -18.45 0.33 -7.23
C LEU B 3 -17.33 0.11 -8.82
C LEU B 3 -17.38 -0.13 -8.21
N PRO B 4 -16.16 0.76 -8.79
N PRO B 4 -16.24 0.53 -8.30
CA PRO B 4 -15.15 0.48 -9.80
CA PRO B 4 -15.37 0.31 -9.45
C PRO B 4 -14.69 -0.98 -9.74
C PRO B 4 -14.77 -1.10 -9.41
N THR B 5 -14.61 -1.61 -10.89
N THR B 5 -14.63 -1.68 -10.61
N THR B 5 -14.46 -1.41 -11.07
CA THR B 5 -13.93 -2.89 -10.90
CA THR B 5 -13.88 -2.90 -10.82
CA THR B 5 -13.81 -2.70 -11.27
C THR B 5 -12.47 -2.69 -10.47
C THR B 5 -12.37 -2.59 -10.83
C THR B 5 -12.33 -2.67 -10.89
N ALA B 6 -11.71 -3.79 -10.42
N ALA B 6 -11.56 -3.66 -10.88
CA ALA B 6 -10.27 -3.65 -10.26
CA ALA B 6 -10.11 -3.54 -10.70
C ALA B 6 -9.68 -2.82 -11.39
C ALA B 6 -9.47 -2.70 -11.79
N GLN B 7 -10.20 -3.00 -12.62
N GLN B 7 -9.75 -3.04 -13.04
N GLN B 7 -9.75 -2.87 -12.88
N GLN B 7 -9.91 -2.86 -13.05
CA GLN B 7 -9.67 -2.24 -13.74
CA GLN B 7 -9.36 -2.23 -14.18
CA GLN B 7 -9.47 -2.03 -14.02
CA GLN B 7 -9.23 -2.02 -14.02
C GLN B 7 -10.02 -0.77 -13.62
C GLN B 7 -9.58 -0.76 -13.88
C GLN B 7 -9.91 -0.57 -13.80
C GLN B 7 -9.60 -0.55 -13.80
N GLU B 8 -11.21 -0.46 -13.12
N GLU B 8 -10.82 -0.42 -13.52
N GLU B 8 -11.14 -0.36 -13.36
CA GLU B 8 -11.63 0.94 -12.99
CA GLU B 8 -11.22 0.97 -13.39
CA GLU B 8 -11.60 1.00 -13.09
C GLU B 8 -10.95 1.64 -11.82
C GLU B 8 -10.51 1.65 -12.21
C GLU B 8 -10.77 1.65 -11.97
N VAL B 9 -10.58 0.89 -10.79
N VAL B 9 -10.30 0.92 -11.11
CA VAL B 9 -9.75 1.45 -9.72
CA VAL B 9 -9.53 1.46 -10.00
C VAL B 9 -8.41 1.88 -10.27
C VAL B 9 -8.15 1.87 -10.48
N GLN B 10 -7.75 1.03 -11.06
N GLN B 10 -7.54 1.06 -11.34
CA GLN B 10 -6.45 1.42 -11.62
CA GLN B 10 -6.23 1.43 -11.86
C GLN B 10 -6.54 2.71 -12.40
C GLN B 10 -6.28 2.75 -12.60
N GLY B 11 -7.58 2.86 -13.20
N GLY B 11 -7.36 2.98 -13.33
CA GLY B 11 -7.73 4.09 -13.97
CA GLY B 11 -7.48 4.22 -14.09
C GLY B 11 -7.98 5.30 -13.09
C GLY B 11 -7.75 5.43 -13.22
N LEU B 12 -8.81 5.15 -12.07
N LEU B 12 -8.66 5.30 -12.25
CA LEU B 12 -9.16 6.26 -11.21
CA LEU B 12 -9.00 6.41 -11.38
C LEU B 12 -7.95 6.74 -10.40
C LEU B 12 -7.79 6.82 -10.54
N MET B 13 -7.11 5.82 -9.91
N MET B 13 -7.10 5.83 -9.95
CA MET B 13 -6.01 6.22 -9.04
CA MET B 13 -5.93 6.13 -9.15
C MET B 13 -4.88 6.86 -9.83
C MET B 13 -4.84 6.75 -10.01
N ALA B 14 -4.62 6.37 -11.05
N ALA B 14 -4.70 6.30 -11.26
CA ALA B 14 -3.62 7.01 -11.92
CA ALA B 14 -3.79 6.98 -12.17
C ALA B 14 -4.01 8.43 -12.30
C ALA B 14 -4.25 8.41 -12.43
N ARG B 15 -5.30 8.70 -12.61
N ARG B 15 -5.56 8.64 -12.48
N ARG B 15 -5.46 8.59 -12.66
CA ARG B 15 -5.70 10.08 -12.91
CA ARG B 15 -6.10 9.99 -12.71
CA ARG B 15 -5.99 9.91 -12.94
C ARG B 15 -5.52 10.97 -11.69
C ARG B 15 -5.84 10.91 -11.51
C ARG B 15 -5.71 10.84 -11.78
N TYR B 16 -5.87 10.49 -10.50
N TYR B 16 -5.83 10.37 -10.29
N TYR B 16 -5.93 10.35 -10.58
CA TYR B 16 -5.55 11.24 -9.28
CA TYR B 16 -5.57 11.21 -9.12
CA TYR B 16 -5.71 11.16 -9.39
C TYR B 16 -4.12 11.70 -9.31
C TYR B 16 -4.17 11.79 -9.17
C TYR B 16 -4.29 11.67 -9.35
N ILE B 17 -3.22 10.81 -9.72
N ILE B 17 -3.19 10.95 -9.48
CA ILE B 17 -1.83 11.23 -9.80
CA ILE B 17 -1.80 11.42 -9.50
C ILE B 17 -1.69 12.31 -10.87
C ILE B 17 -1.59 12.44 -10.60
N GLU B 18 -2.43 12.20 -11.98
N GLU B 18 -2.16 12.18 -11.79
N GLU B 18 -2.13 12.24 -11.92
CA GLU B 18 -2.41 13.23 -13.03
CA GLU B 18 -2.07 13.09 -12.93
CA GLU B 18 -2.01 13.37 -12.84
C GLU B 18 -2.80 14.59 -12.48
C GLU B 18 -2.64 14.45 -12.56
C GLU B 18 -2.61 14.65 -12.28
N LEU B 19 -3.73 14.65 -11.53
N LEU B 19 -3.76 14.47 -11.82
CA LEU B 19 -4.27 15.93 -11.06
CA LEU B 19 -4.35 15.71 -11.30
C LEU B 19 -3.44 16.52 -9.93
C LEU B 19 -3.46 16.35 -10.25
N VAL B 20 -2.75 15.68 -9.16
N VAL B 20 -2.85 15.56 -9.37
CA VAL B 20 -1.71 16.18 -8.29
CA VAL B 20 -1.99 16.13 -8.33
C VAL B 20 -0.57 16.73 -9.14
C VAL B 20 -0.81 16.83 -8.96
N ASP B 21 -0.20 16.03 -10.23
N ASP B 21 -0.21 16.18 -9.94
CA ASP B 21 0.94 16.47 -11.04
CA ASP B 21 0.98 16.67 -10.60
C ASP B 21 0.68 17.79 -11.76
C ASP B 21 0.75 18.04 -11.21
N VAL B 22 -0.53 17.97 -12.30
N VAL B 22 -0.42 18.28 -11.77
CA VAL B 22 -0.87 19.23 -12.97
CA VAL B 22 -0.70 19.58 -12.37
C VAL B 22 -1.38 20.28 -11.99
C VAL B 22 -1.22 20.57 -11.35
N GLY B 23 -1.67 19.93 -10.74
N GLY B 23 -1.66 20.11 -10.20
CA GLY B 23 -2.06 20.92 -9.76
CA GLY B 23 -2.15 20.98 -9.16
C GLY B 23 -3.50 21.32 -9.84
C GLY B 23 -3.58 21.46 -9.33
N ASP B 24 -4.36 20.43 -10.36
N ASP B 24 -4.45 20.66 -9.95
CA ASP B 24 -5.78 20.73 -10.46
CA ASP B 24 -5.87 21.04 -10.14
C ASP B 24 -6.43 20.33 -9.13
C ASP B 24 -6.66 20.65 -8.89
N ILE B 25 -6.27 21.22 -8.14
N ILE B 25 -6.53 21.52 -7.88
N ILE B 25 -6.91 21.50 -8.05
CA ILE B 25 -6.90 21.01 -6.84
CA ILE B 25 -7.03 21.24 -6.55
CA ILE B 25 -7.48 21.28 -6.72
C ILE B 25 -8.39 20.82 -7.03
C ILE B 25 -8.52 21.01 -6.59
C ILE B 25 -8.96 20.96 -6.86
N GLU B 26 -9.01 21.67 -7.85
N GLU B 26 -9.24 21.81 -7.37
N GLU B 26 -9.65 21.71 -7.69
CA GLU B 26 -10.47 21.61 -8.03
CA GLU B 26 -10.69 21.67 -7.45
CA GLU B 26 -11.07 21.44 -7.81
C GLU B 26 -10.94 20.21 -8.45
C GLU B 26 -11.09 20.32 -8.06
C GLU B 26 -11.30 20.09 -8.48
N ALA B 27 -10.35 19.68 -9.53
N ALA B 27 -10.36 19.88 -9.09
CA ALA B 27 -10.67 18.37 -10.07
CA ALA B 27 -10.61 18.58 -9.73
C ALA B 27 -10.36 17.25 -9.10
C ALA B 27 -10.30 17.41 -8.78
N ILE B 28 -9.36 17.41 -8.23
N ILE B 28 -9.25 17.54 -7.98
CA ILE B 28 -9.08 16.40 -7.20
CA ILE B 28 -8.97 16.55 -6.93
C ILE B 28 -10.22 16.32 -6.22
C ILE B 28 -10.17 16.42 -6.03
N VAL B 29 -10.60 17.47 -5.61
N VAL B 29 -10.85 17.54 -5.80
CA VAL B 29 -11.65 17.46 -4.60
CA VAL B 29 -11.98 17.54 -4.87
C VAL B 29 -12.91 16.84 -5.15
C VAL B 29 -13.16 16.81 -5.48
N GLN B 30 -13.19 17.05 -6.44
N GLN B 30 -13.40 16.99 -6.77
N GLN B 30 -13.25 17.08 -6.49
CA GLN B 30 -14.36 16.43 -7.07
CA GLN B 30 -14.55 16.30 -7.34
CA GLN B 30 -14.41 16.47 -7.12
C GLN B 30 -14.27 14.90 -7.08
C GLN B 30 -14.32 14.81 -7.55
C GLN B 30 -14.31 14.94 -7.21
N MET B 31 -13.05 14.35 -7.17
N MET B 31 -13.13 14.28 -7.30
CA MET B 31 -12.91 12.92 -7.14
CA MET B 31 -13.01 12.83 -7.26
C MET B 31 -13.34 12.31 -5.81
C MET B 31 -13.46 12.27 -5.92
N TYR B 32 -13.45 13.10 -4.75
N TYR B 32 -13.31 13.02 -4.83
CA TYR B 32 -13.77 12.62 -3.40
CA TYR B 32 -13.74 12.56 -3.52
C TYR B 32 -15.26 12.64 -3.12
C TYR B 32 -15.25 12.57 -3.40
N ALA B 33 -15.70 11.69 -2.31
N ALA B 33 -15.76 11.59 -2.68
CA ALA B 33 -17.09 11.64 -1.88
CA ALA B 33 -17.14 11.65 -2.22
C ALA B 33 -17.41 12.76 -0.91
C ALA B 33 -17.29 12.82 -1.28
N ASP B 34 -18.68 13.17 -0.87
N ASP B 34 -18.53 13.31 -1.20
CA ASP B 34 -19.17 13.94 0.26
CA ASP B 34 -18.78 14.52 -0.45
C ASP B 34 -18.89 13.09 1.50
C ASP B 34 -18.39 14.42 1.02
N ASP B 35 -18.38 13.74 2.54
N ASP B 35 -18.49 13.22 1.60
CA ASP B 35 -18.09 13.11 3.84
CA ASP B 35 -18.22 12.92 3.00
C ASP B 35 -16.85 12.22 3.79
C ASP B 35 -17.00 12.03 3.18
N ALA B 36 -16.01 12.32 2.77
N ALA B 36 -16.06 12.13 2.25
CA ALA B 36 -14.82 11.46 2.70
CA ALA B 36 -14.84 11.34 2.30
C ALA B 36 -13.87 11.81 3.81
C ALA B 36 -13.98 11.66 3.53
N THR B 37 -12.85 10.97 3.95
N THR B 37 -13.14 10.68 3.90
CA THR B 37 -11.77 11.28 4.85
CA THR B 37 -12.15 10.80 4.98
C THR B 37 -10.44 11.12 4.16
C THR B 37 -10.72 10.63 4.46
N VAL B 38 -9.51 11.97 4.58
N VAL B 38 -9.80 11.51 4.86
CA VAL B 38 -8.11 11.89 4.25
CA VAL B 38 -8.39 11.47 4.41
C VAL B 38 -7.35 11.64 5.55
C VAL B 38 -7.44 11.53 5.60
N GLU B 39 -6.31 10.82 5.45
N GLU B 39 -6.50 10.57 5.63
N GLU B 39 -6.21 10.95 5.45
CA GLU B 39 -5.37 10.58 6.55
CA GLU B 39 -5.42 10.55 6.60
CA GLU B 39 -5.33 10.55 6.55
C GLU B 39 -3.98 10.62 5.92
C GLU B 39 -4.06 10.72 5.92
C GLU B 39 -3.93 10.51 6.01
N ASP B 40 -3.35 11.78 5.96
N ASP B 40 -3.37 11.79 6.21
CA ASP B 40 -2.12 12.06 5.22
CA ASP B 40 -2.18 12.09 5.41
C ASP B 40 -1.26 13.06 5.98
C ASP B 40 -1.28 13.01 6.23
N PRO B 41 -0.14 12.64 6.57
N PRO B 41 -0.19 12.49 6.78
CA PRO B 41 0.37 11.27 6.63
CA PRO B 41 0.18 11.08 6.75
C PRO B 41 -0.43 10.40 7.59
C PRO B 41 -0.69 10.22 7.65
N PHE B 42 -0.57 9.12 7.26
N PHE B 42 -0.77 8.94 7.32
N PHE B 42 -0.63 9.15 7.10
CA PHE B 42 -1.32 8.19 8.09
CA PHE B 42 -1.45 8.01 8.19
CA PHE B 42 -1.21 8.15 8.00
C PHE B 42 -0.79 8.22 9.53
C PHE B 42 -0.78 8.06 9.55
C PHE B 42 -0.46 8.21 9.34
N GLY B 43 -1.71 8.04 10.50
N GLY B 43 -1.59 8.25 10.60
N GLY B 43 -1.25 8.11 10.41
CA GLY B 43 -1.44 8.22 11.93
CA GLY B 43 -1.12 8.59 11.93
CA GLY B 43 -0.81 8.38 11.77
C GLY B 43 -1.87 9.58 12.46
C GLY B 43 -1.50 9.99 12.34
C GLY B 43 -1.45 9.61 12.36
N GLN B 44 -1.87 10.61 11.61
N GLN B 44 -1.74 10.85 11.41
N GLN B 44 -2.11 10.44 11.55
CA GLN B 44 -2.31 11.94 12.02
CA GLN B 44 -2.26 12.16 11.76
CA GLN B 44 -2.68 11.69 11.98
C GLN B 44 -3.82 12.05 11.94
C GLN B 44 -3.78 12.10 11.85
C GLN B 44 -4.20 11.59 11.98
N PRO B 45 -4.39 13.13 12.46
N PRO B 45 -4.39 12.97 12.65
N PRO B 45 -4.88 12.47 12.71
CA PRO B 45 -5.85 13.17 12.60
CA PRO B 45 -5.84 12.96 12.78
CA PRO B 45 -6.34 12.45 12.69
C PRO B 45 -6.57 13.14 11.26
C PRO B 45 -6.49 13.14 11.41
C PRO B 45 -6.89 12.62 11.28
N PRO B 46 -7.61 12.31 11.12
N PRO B 46 -7.61 12.49 11.17
N PRO B 46 -7.98 11.93 10.95
CA PRO B 46 -8.39 12.30 9.89
CA PRO B 46 -8.21 12.54 9.83
CA PRO B 46 -8.63 12.12 9.63
C PRO B 46 -9.01 13.65 9.59
C PRO B 46 -8.86 13.88 9.58
C PRO B 46 -9.19 13.53 9.41
N ILE B 47 -9.06 13.97 8.30
N ILE B 47 -9.26 14.05 8.34
N ILE B 47 -8.88 14.09 8.23
CA ILE B 47 -9.73 15.14 7.76
CA ILE B 47 -10.02 15.20 7.94
CA ILE B 47 -9.51 15.32 7.67
C ILE B 47 -11.06 14.65 7.25
C ILE B 47 -11.17 14.73 7.07
C ILE B 47 -10.81 14.96 6.99
N HIS B 48 -12.10 15.48 7.39
N HIS B 48 -12.34 15.29 7.29
CA HIS B 48 -13.45 15.06 7.04
CA HIS B 48 -13.57 14.72 6.80
C HIS B 48 -14.14 16.02 6.10
C HIS B 48 -14.35 15.78 6.03
N GLY B 49 -14.70 15.48 5.00
N GLY B 49 -14.53 15.57 4.75
CA GLY B 49 -15.61 16.17 4.12
CA GLY B 49 -15.45 16.43 4.04
C GLY B 49 -14.91 17.05 3.11
C GLY B 49 -14.74 17.30 3.01
N ARG B 50 -15.65 17.43 2.06
N ARG B 50 -15.51 17.68 1.98
N ARG B 50 -15.64 17.30 2.04
CA ARG B 50 -15.02 18.15 0.96
CA ARG B 50 -14.90 18.30 0.83
CA ARG B 50 -15.01 18.05 0.96
C ARG B 50 -14.48 19.53 1.35
C ARG B 50 -14.29 19.66 1.12
C ARG B 50 -14.54 19.42 1.38
N GLU B 51 -15.12 20.25 2.28
N GLU B 51 -14.92 20.48 1.96
CA GLU B 51 -14.55 21.54 2.69
CA GLU B 51 -14.34 21.78 2.25
C GLU B 51 -13.16 21.34 3.29
C GLU B 51 -12.96 21.62 2.86
N GLN B 52 -13.05 20.44 4.26
N GLN B 52 -12.85 20.76 3.89
CA GLN B 52 -11.75 20.19 4.91
CA GLN B 52 -11.58 20.60 4.60
C GLN B 52 -10.75 19.59 3.95
C GLN B 52 -10.57 19.87 3.73
N ILE B 53 -11.19 18.69 3.07
N ILE B 53 -11.03 18.93 2.91
CA ILE B 53 -10.30 18.10 2.06
CA ILE B 53 -10.13 18.28 1.98
C ILE B 53 -9.72 19.21 1.20
C ILE B 53 -9.65 19.25 0.89
N ALA B 54 -10.58 20.13 0.76
N ALA B 54 -10.54 20.14 0.42
CA ALA B 54 -10.15 21.22 -0.11
CA ALA B 54 -10.04 21.16 -0.50
C ALA B 54 -9.12 22.09 0.59
C ALA B 54 -9.00 22.03 0.16
N ALA B 55 -9.33 22.37 1.88
N ALA B 55 -9.23 22.47 1.41
CA ALA B 55 -8.37 23.19 2.61
CA ALA B 55 -8.25 23.29 2.11
C ALA B 55 -7.03 22.50 2.71
C ALA B 55 -6.92 22.55 2.26
N PHE B 56 -7.07 21.20 2.97
N PHE B 56 -6.98 21.25 2.59
CA PHE B 56 -5.84 20.44 3.05
CA PHE B 56 -5.79 20.41 2.69
C PHE B 56 -5.05 20.55 1.75
C PHE B 56 -5.02 20.43 1.38
N TYR B 57 -5.69 20.28 0.61
N TYR B 57 -5.71 20.25 0.25
N TYR B 57 -5.71 20.23 0.29
CA TYR B 57 -4.96 20.27 -0.65
CA TYR B 57 -5.01 20.24 -1.03
CA TYR B 57 -4.97 20.26 -0.96
C TYR B 57 -4.43 21.64 -1.00
C TYR B 57 -4.55 21.63 -1.44
C TYR B 57 -4.52 21.67 -1.30
N ARG B 58 -5.16 22.70 -0.64
N ARG B 58 -5.25 22.68 -1.00
N ARG B 58 -5.31 22.68 -0.93
N ARG B 58 -5.30 22.63 -1.01
CA ARG B 58 -4.68 24.05 -0.90
CA ARG B 58 -4.79 24.03 -1.27
CA ARG B 58 -4.88 24.07 -1.13
CA ARG B 58 -4.80 24.00 -1.17
C ARG B 58 -3.37 24.30 -0.16
C ARG B 58 -3.55 24.37 -0.45
C ARG B 58 -3.58 24.34 -0.39
C ARG B 58 -3.65 24.25 -0.21
N GLN B 59 -3.30 23.86 1.10
N GLN B 59 -3.44 23.84 0.77
N GLN B 59 -3.50 23.92 0.87
CA GLN B 59 -2.07 24.04 1.85
CA GLN B 59 -2.31 24.14 1.64
CA GLN B 59 -2.28 24.11 1.64
C GLN B 59 -0.91 23.24 1.26
C GLN B 59 -1.16 23.17 1.35
C GLN B 59 -1.12 23.35 1.01
N GLY B 60 -1.18 22.19 0.50
N GLY B 60 -1.31 22.05 0.76
CA GLY B 60 -0.11 21.34 0.01
CA GLY B 60 -0.20 21.24 0.33
C GLY B 60 0.24 21.52 -1.46
C GLY B 60 0.28 21.58 -1.08
N LEU B 61 -0.72 21.98 -2.28
N LEU B 61 -0.64 22.07 -2.16
N LEU B 61 -0.66 21.89 -1.97
CA LEU B 61 -0.51 22.16 -3.70
CA LEU B 61 -0.42 22.22 -3.59
CA LEU B 61 -0.36 22.09 -3.39
C LEU B 61 -0.81 23.58 -4.18
C LEU B 61 -0.55 23.66 -4.04
C LEU B 61 -0.34 23.55 -3.83
N GLY B 62 -1.29 24.45 -3.29
N GLY B 62 -1.20 24.49 -3.21
N GLY B 62 -0.94 24.45 -3.04
CA GLY B 62 -1.62 25.81 -3.72
CA GLY B 62 -1.48 25.89 -3.50
CA GLY B 62 -1.18 25.81 -3.50
C GLY B 62 -0.39 26.63 -4.03
C GLY B 62 -0.74 26.47 -4.69
C GLY B 62 0.05 26.68 -3.52
N GLY B 63 0.71 26.40 -3.32
N GLY B 63 -1.26 26.24 -5.89
N GLY B 63 1.13 26.24 -2.85
CA GLY B 63 1.92 27.17 -3.52
CA GLY B 63 -0.57 26.63 -7.10
CA GLY B 63 2.38 26.95 -2.97
C GLY B 63 2.72 26.77 -4.73
C GLY B 63 0.54 25.63 -7.43
C GLY B 63 3.11 26.69 -4.27
N GLY B 64 2.31 25.72 -5.42
N GLY B 64 0.41 24.94 -8.55
N GLY B 64 2.64 25.71 -5.04
CA GLY B 64 3.07 25.21 -6.54
CA GLY B 64 1.21 23.76 -8.82
CA GLY B 64 3.30 25.35 -6.29
C GLY B 64 4.31 24.44 -6.08
C GLY B 64 2.68 24.00 -9.13
C GLY B 64 4.55 24.52 -6.08
N LYS B 65 5.16 24.19 -7.06
N LYS B 65 3.49 23.78 -8.10
N LYS B 65 5.20 24.23 -7.21
CA LYS B 65 6.43 23.51 -6.87
CA LYS B 65 4.94 23.57 -8.22
CA LYS B 65 6.49 23.54 -7.26
C LYS B 65 6.24 22.13 -6.25
C LYS B 65 5.29 22.11 -8.08
C LYS B 65 6.38 22.07 -6.79
N VAL B 66 5.20 21.44 -6.67
N VAL B 66 4.48 21.38 -7.34
N VAL B 66 5.30 21.42 -7.21
CA VAL B 66 4.96 20.05 -6.30
CA VAL B 66 4.74 20.00 -6.91
CA VAL B 66 5.08 20.01 -6.97
C VAL B 66 4.69 19.29 -7.59
C VAL B 66 4.50 19.08 -8.09
C VAL B 66 4.90 19.31 -8.31
N ARG B 67 5.46 18.23 -7.82
N ARG B 67 5.39 18.11 -8.29
CA ARG B 67 5.17 17.29 -8.90
CA ARG B 67 5.22 17.16 -9.37
C ARG B 67 4.88 15.93 -8.28
C ARG B 67 5.10 15.76 -8.79
N ALA B 68 4.22 15.04 -9.02
N ALA B 68 4.42 14.87 -9.49
CA ALA B 68 4.06 13.68 -8.50
CA ALA B 68 4.18 13.52 -8.99
C ALA B 68 3.96 12.73 -9.68
C ALA B 68 4.09 12.56 -10.15
N CYS B 69 4.60 11.56 -9.54
N CYS B 69 4.50 11.33 -9.91
N CYS B 69 4.60 11.43 -9.62
CA CYS B 69 4.46 10.53 -10.56
CA CYS B 69 4.38 10.29 -10.90
CA CYS B 69 4.62 10.39 -10.65
C CYS B 69 4.56 9.16 -9.92
C CYS B 69 4.32 8.93 -10.20
C CYS B 69 4.54 9.00 -10.05
N LEU B 70 3.91 8.19 -10.55
N LEU B 70 3.66 7.98 -10.84
N LEU B 70 3.62 8.18 -10.56
CA LEU B 70 3.91 6.81 -10.08
CA LEU B 70 3.66 6.61 -10.35
CA LEU B 70 3.60 6.76 -10.24
C LEU B 70 5.30 6.21 -10.20
C LEU B 70 5.03 6.02 -10.52
C LEU B 70 4.98 6.17 -10.48
N THR B 71 5.59 5.29 -9.29
N THR B 71 5.50 5.33 -9.48
N THR B 71 5.35 5.19 -9.68
CA THR B 71 6.80 4.49 -9.37
CA THR B 71 6.76 4.61 -9.53
CA THR B 71 6.64 4.55 -9.82
C THR B 71 6.54 3.04 -9.77
C THR B 71 6.55 3.11 -9.54
C THR B 71 6.48 3.08 -10.11
N GLY B 72 5.27 2.63 -9.97
N GLY B 72 5.35 2.66 -9.89
CA GLY B 72 4.91 1.29 -10.37
CA GLY B 72 5.03 1.26 -10.03
C GLY B 72 3.42 1.18 -10.60
C GLY B 72 3.54 1.20 -10.25
N PRO B 73 2.94 0.02 -10.91
N PRO B 73 3.01 0.04 -10.57
CA PRO B 73 1.52 -0.14 -11.19
CA PRO B 73 1.60 -0.03 -10.99
C PRO B 73 0.66 0.07 -9.98
C PRO B 73 0.61 0.06 -9.84
N VAL B 74 -0.52 0.59 -10.22
N VAL B 74 -0.64 0.36 -10.18
CA VAL B 74 -1.56 0.56 -9.21
CA VAL B 74 -1.72 0.40 -9.22
C VAL B 74 -1.91 -0.91 -8.97
C VAL B 74 -2.17 -1.02 -8.90
N ARG B 75 -2.05 -1.26 -7.69
N ARG B 75 -2.10 -1.39 -7.63
CA ARG B 75 -2.61 -2.54 -7.25
CA ARG B 75 -2.61 -2.67 -7.15
C ARG B 75 -4.08 -2.35 -6.97
C ARG B 75 -4.06 -2.51 -6.72
N ALA B 76 -4.91 -3.28 -7.40
N ALA B 76 -4.98 -3.18 -7.38
CA ALA B 76 -6.36 -3.07 -7.35
CA ALA B 76 -6.39 -3.04 -7.04
C ALA B 76 -7.07 -4.33 -6.94
C ALA B 76 -6.95 -4.34 -6.46
N SER B 77 -8.12 -4.20 -6.15
N SER B 77 -7.96 -4.20 -5.63
CA SER B 77 -8.94 -5.29 -5.62
CA SER B 77 -8.74 -5.29 -5.10
C SER B 77 -10.23 -5.44 -6.41
C SER B 77 -10.03 -5.43 -5.90
N HIS B 78 -11.03 -6.44 -6.00
N HIS B 78 -10.85 -6.44 -5.55
CA HIS B 78 -12.41 -6.58 -6.42
CA HIS B 78 -12.13 -6.68 -6.24
C HIS B 78 -13.40 -6.03 -5.39
C HIS B 78 -13.34 -5.94 -5.66
N ASN B 79 -12.96 -5.33 -4.33
N ASN B 79 -13.15 -5.20 -4.59
N ASN B 79 -12.78 -5.28 -4.29
CA ASN B 79 -13.89 -4.70 -3.39
CA ASN B 79 -14.23 -4.51 -3.91
CA ASN B 79 -13.87 -4.57 -3.63
C ASN B 79 -13.75 -3.18 -3.37
C ASN B 79 -14.07 -3.00 -3.92
C ASN B 79 -13.75 -3.04 -3.72
N GLY B 80 -13.37 -2.62 -4.51
N GLY B 80 -13.60 -2.46 -5.04
N GLY B 80 -13.33 -2.52 -4.90
CA GLY B 80 -13.36 -1.18 -4.67
CA GLY B 80 -13.53 -1.01 -5.24
CA GLY B 80 -13.29 -1.08 -5.14
C GLY B 80 -12.22 -0.45 -4.01
C GLY B 80 -12.40 -0.32 -4.51
C GLY B 80 -12.15 -0.33 -4.48
N CYS B 81 -11.10 -1.11 -3.80
N CYS B 81 -11.24 -0.98 -4.36
N CYS B 81 -11.12 -1.02 -4.02
CA CYS B 81 -9.97 -0.54 -3.10
CA CYS B 81 -10.12 -0.44 -3.61
CA CYS B 81 -10.02 -0.40 -3.29
C CYS B 81 -8.70 -0.69 -3.93
C CYS B 81 -8.83 -0.61 -4.38
C CYS B 81 -8.70 -0.71 -3.98
N GLY B 82 -7.67 0.03 -3.51
N GLY B 82 -7.84 0.20 -4.03
N GLY B 82 -7.76 0.22 -3.86
CA GLY B 82 -6.40 -0.04 -4.19
CA GLY B 82 -6.53 0.05 -4.63
CA GLY B 82 -6.47 0.01 -4.49
C GLY B 82 -5.27 0.60 -3.40
C GLY B 82 -5.48 0.67 -3.74
C GLY B 82 -5.37 0.74 -3.74
N ALA B 83 -4.04 0.32 -3.83
N ALA B 83 -4.22 0.52 -4.16
N ALA B 83 -4.14 0.41 -4.12
CA ALA B 83 -2.85 0.97 -3.30
CA ALA B 83 -3.05 1.08 -3.50
CA ALA B 83 -2.93 0.94 -3.51
C ALA B 83 -1.88 1.29 -4.43
C ALA B 83 -1.97 1.28 -4.55
C ALA B 83 -1.97 1.32 -4.61
N MET B 84 -1.29 2.49 -4.38
N MET B 84 -1.24 2.39 -4.45
N MET B 84 -1.14 2.34 -4.38
CA MET B 84 -0.34 2.90 -5.40
CA MET B 84 -0.25 2.67 -5.49
CA MET B 84 -0.18 2.74 -5.39
C MET B 84 0.97 3.39 -4.78
C MET B 84 1.00 3.31 -4.92
C MET B 84 1.04 3.41 -4.79
N PRO B 85 2.14 3.12 -5.42
N PRO B 85 2.16 3.11 -5.59
CA PRO B 85 3.39 3.76 -5.02
CA PRO B 85 3.41 3.75 -5.19
C PRO B 85 3.75 4.86 -5.98
C PRO B 85 3.68 5.01 -6.00
N PHE B 86 4.18 5.99 -5.44
N PHE B 86 4.16 6.09 -5.37
CA PHE B 86 4.54 7.11 -6.26
CA PHE B 86 4.47 7.31 -6.10
C PHE B 86 5.58 7.93 -5.53
C PHE B 86 5.53 8.13 -5.41
N ARG B 87 6.04 8.98 -6.20
N ARG B 87 6.16 9.00 -6.19
N ARG B 87 6.15 8.89 -6.30
CA ARG B 87 7.11 9.84 -5.69
CA ARG B 87 7.18 9.89 -5.68
CA ARG B 87 7.14 9.86 -5.85
C ARG B 87 6.73 11.28 -6.00
C ARG B 87 6.82 11.30 -6.10
C ARG B 87 6.59 11.27 -6.05
N VAL B 88 6.77 12.09 -4.95
N VAL B 88 6.73 12.19 -5.12
N VAL B 88 6.83 12.11 -5.07
CA VAL B 88 6.48 13.52 -5.02
CA VAL B 88 6.43 13.61 -5.34
CA VAL B 88 6.53 13.53 -5.16
C VAL B 88 7.82 14.25 -5.14
C VAL B 88 7.73 14.39 -5.22
C VAL B 88 7.86 14.28 -5.08
N GLU B 89 7.84 15.32 -5.93
N GLU B 89 8.09 15.11 -6.29
CA GLU B 89 9.01 16.19 -6.06
CA GLU B 89 9.24 15.99 -6.30
C GLU B 89 8.58 17.57 -5.62
C GLU B 89 8.78 17.40 -5.95
N MET B 90 9.34 18.14 -4.71
N MET B 90 9.37 17.94 -4.90
CA MET B 90 8.99 19.44 -4.20
CA MET B 90 9.06 19.27 -4.39
C MET B 90 10.26 20.07 -3.66
C MET B 90 10.31 19.98 -3.91
N VAL B 91 10.09 21.12 -2.89
N VAL B 91 10.14 20.92 -2.97
CA VAL B 91 11.21 21.89 -2.39
CA VAL B 91 11.23 21.73 -2.46
C VAL B 91 11.26 21.72 -0.88
C VAL B 91 11.35 21.54 -0.96
N TRP B 92 12.45 21.38 -0.38
N TRP B 92 12.59 21.54 -0.49
CA TRP B 92 12.77 21.31 1.05
CA TRP B 92 12.90 21.49 0.94
C TRP B 92 14.06 22.10 1.24
C TRP B 92 14.20 22.25 1.12
N ASN B 93 14.03 23.07 2.16
N ASN B 93 14.20 23.12 2.11
CA ASN B 93 15.22 23.91 2.44
CA ASN B 93 15.34 23.98 2.37
C ASN B 93 15.78 24.53 1.17
C ASN B 93 15.80 24.69 1.10
N GLY B 94 14.91 24.97 0.27
N GLY B 94 14.82 25.14 0.32
CA GLY B 94 15.35 25.67 -0.93
CA GLY B 94 15.11 25.92 -0.87
C GLY B 94 16.05 24.83 -1.97
C GLY B 94 15.64 25.12 -2.03
N GLN B 95 15.97 23.51 -1.87
N GLN B 95 15.64 23.80 -1.93
N GLN B 95 15.98 23.57 -2.11
CA GLN B 95 16.60 22.66 -2.87
CA GLN B 95 16.27 22.92 -2.91
CA GLN B 95 16.61 22.59 -2.98
C GLN B 95 15.66 21.52 -3.27
C GLN B 95 15.28 21.83 -3.27
C GLN B 95 15.63 21.45 -3.29
N PRO B 96 15.94 20.83 -4.37
N PRO B 96 15.46 21.18 -4.42
CA PRO B 96 15.05 19.74 -4.79
CA PRO B 96 14.59 20.05 -4.75
C PRO B 96 15.03 18.63 -3.76
C PRO B 96 14.69 18.95 -3.70
N CYS B 97 13.87 18.04 -3.59
N CYS B 97 13.57 18.28 -3.49
CA CYS B 97 13.77 16.84 -2.79
CA CYS B 97 13.50 17.17 -2.55
C CYS B 97 12.76 15.89 -3.41
C CYS B 97 12.48 16.19 -3.09
N ALA B 98 12.82 14.63 -2.99
N ALA B 98 12.57 14.93 -2.67
CA ALA B 98 11.87 13.61 -3.36
CA ALA B 98 11.67 13.91 -3.20
C ALA B 98 11.22 13.07 -2.11
C ALA B 98 11.17 13.02 -2.08
N LEU B 99 9.97 12.65 -2.28
N LEU B 99 9.84 12.86 -2.01
CA LEU B 99 9.24 11.97 -1.22
CA LEU B 99 9.13 12.13 -0.97
C LEU B 99 8.59 10.73 -1.82
C LEU B 99 8.45 10.90 -1.57
N ASP B 100 8.94 9.56 -1.30
N ASP B 100 8.78 9.71 -1.06
CA ASP B 100 8.23 8.33 -1.63
CA ASP B 100 8.20 8.44 -1.55
C ASP B 100 6.95 8.17 -0.81
C ASP B 100 6.99 8.07 -0.71
N VAL B 101 5.88 7.72 -1.48
N VAL B 101 5.83 7.84 -1.37
CA VAL B 101 4.55 7.66 -0.88
CA VAL B 101 4.55 7.70 -0.68
C VAL B 101 3.83 6.43 -1.39
C VAL B 101 3.82 6.49 -1.24
N ILE B 102 2.96 5.88 -0.56
N ILE B 102 2.98 5.88 -0.41
N ILE B 102 3.01 5.76 -0.51
CA ILE B 102 2.00 4.87 -1.00
CA ILE B 102 1.98 4.92 -0.88
CA ILE B 102 1.91 4.93 -1.02
C ILE B 102 0.61 5.29 -0.53
C ILE B 102 0.63 5.43 -0.41
C ILE B 102 0.56 5.48 -0.57
N ASP B 103 -0.25 5.67 -1.48
N ASP B 103 -0.36 5.47 -1.31
N ASP B 103 -0.38 5.67 -1.51
CA ASP B 103 -1.64 5.98 -1.19
CA ASP B 103 -1.73 5.78 -0.90
CA ASP B 103 -1.75 6.00 -1.17
C ASP B 103 -2.49 4.70 -1.22
C ASP B 103 -2.57 4.51 -1.06
C ASP B 103 -2.64 4.78 -1.38
N VAL B 104 -3.31 4.55 -0.19
N VAL B 104 -3.48 4.30 -0.10
N VAL B 104 -3.52 4.55 -0.42
CA VAL B 104 -4.31 3.50 -0.09
CA VAL B 104 -4.52 3.29 -0.18
CA VAL B 104 -4.51 3.48 -0.44
C VAL B 104 -5.67 4.19 -0.18
C VAL B 104 -5.84 4.04 -0.24
C VAL B 104 -5.86 4.18 -0.49
N MET B 105 -6.59 3.65 -0.98
N MET B 105 -6.68 3.68 -1.21
N MET B 105 -6.72 3.75 -1.40
CA MET B 105 -7.87 4.28 -1.25
CA MET B 105 -7.95 4.35 -1.47
CA MET B 105 -8.02 4.34 -1.50
C MET B 105 -8.98 3.24 -1.22
C MET B 105 -9.08 3.34 -1.65
C MET B 105 -9.10 3.28 -1.46
N ARG B 106 -10.13 3.63 -0.70
N ARG B 106 -10.26 3.69 -1.15
N ARG B 106 -10.27 3.68 -0.99
CA ARG B 106 -11.40 2.93 -0.86
CA ARG B 106 -11.50 2.95 -1.31
CA ARG B 106 -11.49 2.88 -1.04
C ARG B 106 -12.40 3.83 -1.58
C ARG B 106 -12.47 3.85 -2.06
C ARG B 106 -12.56 3.61 -1.85
N PHE B 107 -13.05 3.29 -2.61
N PHE B 107 -13.06 3.31 -3.10
CA PHE B 107 -14.06 3.96 -3.41
CA PHE B 107 -14.05 4.01 -3.91
C PHE B 107 -15.46 3.52 -2.97
C PHE B 107 -15.46 3.55 -3.58
N ASP B 108 -16.42 4.40 -3.17
N ASP B 108 -16.40 4.46 -3.80
CA ASP B 108 -17.83 4.06 -2.98
CA ASP B 108 -17.77 4.22 -3.45
C ASP B 108 -18.49 3.63 -4.30
C ASP B 108 -18.48 3.63 -4.63
N GLU B 109 -19.82 3.56 -4.31
N GLU B 109 -19.71 3.18 -4.31
N GLU B 109 -19.90 3.52 -4.54
CA GLU B 109 -20.58 2.99 -5.43
CA GLU B 109 -20.66 2.66 -5.27
CA GLU B 109 -20.59 2.89 -5.67
C GLU B 109 -20.69 3.88 -6.67
C GLU B 109 -21.09 3.74 -6.24
C GLU B 109 -20.82 3.89 -6.82
N HIS B 110 -20.41 5.17 -6.59
N HIS B 110 -20.63 4.98 -6.06
N HIS B 110 -20.18 5.05 -6.74
CA HIS B 110 -20.35 6.06 -7.74
CA HIS B 110 -20.73 6.03 -7.07
CA HIS B 110 -20.32 6.11 -7.73
C HIS B 110 -18.93 6.24 -8.26
C HIS B 110 -19.40 6.32 -7.75
C HIS B 110 -18.98 6.56 -8.27
N GLY B 111 -17.97 5.51 -7.69
N GLY B 111 -18.34 5.57 -7.43
N GLY B 111 -17.93 5.75 -8.11
CA GLY B 111 -16.58 5.69 -8.05
CA GLY B 111 -17.08 5.72 -8.14
CA GLY B 111 -16.60 6.09 -8.60
C GLY B 111 -15.93 6.90 -7.44
C GLY B 111 -16.21 6.87 -7.70
C GLY B 111 -15.93 7.29 -7.93
N ARG B 112 -16.42 7.37 -6.30
N ARG B 112 -16.49 7.47 -6.56
CA ARG B 112 -15.83 8.48 -5.55
CA ARG B 112 -15.70 8.55 -6.00
C ARG B 112 -15.02 7.97 -4.37
C ARG B 112 -14.89 7.99 -4.84
N ILE B 113 -13.94 8.70 -4.06
N ILE B 113 -13.84 8.71 -4.48
CA ILE B 113 -13.03 8.26 -3.00
CA ILE B 113 -13.00 8.24 -3.39
C ILE B 113 -13.70 8.46 -1.65
C ILE B 113 -13.75 8.41 -2.08
N GLN B 114 -13.90 7.37 -0.90
N GLN B 114 -13.97 7.31 -1.38
N GLN B 114 -13.98 7.42 -1.16
CA GLN B 114 -14.47 7.47 0.44
CA GLN B 114 -14.61 7.41 -0.07
CA GLN B 114 -14.53 7.42 0.17
C GLN B 114 -13.42 7.67 1.52
C GLN B 114 -13.60 7.63 1.03
C GLN B 114 -13.47 7.64 1.23
N THR B 115 -12.26 7.01 1.38
N THR B 115 -12.37 7.12 0.89
N THR B 115 -12.39 6.86 1.18
CA THR B 115 -11.19 7.10 2.35
CA THR B 115 -11.37 7.32 1.93
CA THR B 115 -11.29 7.04 2.10
C THR B 115 -9.89 7.02 1.58
C THR B 115 -9.98 7.19 1.32
C THR B 115 -9.97 7.05 1.36
N MET B 116 -9.02 8.01 1.78
N MET B 116 -9.00 7.70 2.06
CA MET B 116 -7.65 8.00 1.34
CA MET B 116 -7.64 7.63 1.58
C MET B 116 -6.74 7.91 2.58
C MET B 116 -6.70 7.74 2.76
N GLN B 117 -5.62 7.21 2.41
N GLN B 117 -5.79 6.77 2.82
N GLN B 117 -5.69 7.00 2.57
CA GLN B 117 -4.59 7.09 3.44
CA GLN B 117 -4.68 6.75 3.75
CA GLN B 117 -4.64 6.90 3.59
C GLN B 117 -3.23 7.18 2.75
C GLN B 117 -3.40 6.88 2.96
C GLN B 117 -3.27 6.89 2.93
N ALA B 118 -2.38 8.05 3.24
N ALA B 118 -2.51 7.75 3.42
CA ALA B 118 -1.08 8.27 2.62
CA ALA B 118 -1.19 7.94 2.82
C ALA B 118 0.03 7.87 3.56
C ALA B 118 -0.12 7.48 3.80
N TYR B 119 0.80 6.86 3.18
N TYR B 119 0.77 6.58 3.34
N TYR B 119 0.72 6.90 3.30
CA TYR B 119 1.89 6.36 4.03
CA TYR B 119 1.84 6.05 4.17
CA TYR B 119 1.88 6.33 3.98
C TYR B 119 3.19 7.02 3.60
C TYR B 119 3.15 6.71 3.76
C TYR B 119 3.18 6.98 3.50
N TRP B 120 3.77 7.80 4.51
N TRP B 120 3.77 7.43 4.70
CA TRP B 120 5.09 8.38 4.31
CA TRP B 120 5.05 8.07 4.52
C TRP B 120 5.51 9.00 5.63
C TRP B 120 5.44 8.65 5.86
N SER B 121 6.82 9.20 5.77
N SER B 121 6.74 8.87 6.05
CA SER B 121 7.41 9.95 6.87
CA SER B 121 7.24 9.76 7.12
C SER B 121 8.72 10.56 6.40
C SER B 121 8.57 10.32 6.65
N GLU B 122 9.43 11.16 7.36
N GLU B 122 9.33 10.93 7.57
CA GLU B 122 10.71 11.77 7.08
CA GLU B 122 10.59 11.55 7.16
C GLU B 122 11.73 10.78 6.56
C GLU B 122 11.62 10.51 6.73
N VAL B 123 11.57 9.49 6.88
N VAL B 123 11.39 9.23 7.00
CA VAL B 123 12.50 8.47 6.37
CA VAL B 123 12.25 8.18 6.46
C VAL B 123 12.35 8.33 4.88
C VAL B 123 12.19 8.04 4.95
N ASN B 124 11.18 8.74 4.35
N ASN B 124 11.28 8.75 4.25
CA ASN B 124 10.87 8.67 2.93
CA ASN B 124 11.06 8.60 2.80
C ASN B 124 11.18 9.99 2.20
C ASN B 124 11.45 9.82 1.99
N LEU B 125 11.83 10.94 2.86
N LEU B 125 12.09 10.80 2.61
CA LEU B 125 12.25 12.21 2.25
CA LEU B 125 12.56 12.00 1.95
C LEU B 125 13.75 12.16 1.89
C LEU B 125 13.96 11.73 1.46
N SER B 126 14.10 12.44 0.65
N SER B 126 14.26 12.15 0.23
CA SER B 126 15.49 12.35 0.20
CA SER B 126 15.60 12.07 -0.33
C SER B 126 15.87 13.65 -0.50
C SER B 126 16.03 13.44 -0.83
N VAL B 127 17.20 13.88 -0.54
N VAL B 127 17.26 13.84 -0.49
CA VAL B 127 17.78 15.07 -1.13
CA VAL B 127 17.88 15.08 -0.93
C VAL B 127 19.03 14.65 -1.89
C VAL B 127 19.17 14.74 -1.64
N ARG B 128 19.72 15.64 -2.46
N ARG B 128 19.69 15.69 -2.41
CA ARG B 128 21.02 15.43 -3.07
CA ARG B 128 20.97 15.50 -3.08
C ARG B 128 22.08 15.38 -1.97
C ARG B 128 22.08 15.48 -2.03
N GLU B 129 22.90 14.33 -1.98
N GLU B 129 22.84 14.38 -1.99
CA GLU B 129 23.97 14.22 -1.00
CA GLU B 129 23.95 14.25 -1.05
C GLU B 129 25.33 14.24 -1.68
C GLU B 129 25.29 14.30 -1.79
C1 ASD C . 3.32 -13.88 -0.75
C1 ASD C . 3.82 -15.25 -2.13
C10 ASD C . 1.86 -14.03 -1.16
C10 ASD C . 2.28 -15.33 -2.14
C11 ASD C . 2.45 -15.96 -2.79
C11 ASD C . 2.38 -17.01 -4.10
C12 ASD C . 2.32 -16.56 -4.20
C12 ASD C . 1.90 -17.42 -5.49
C13 ASD C . 0.86 -16.56 -4.64
C13 ASD C . 0.37 -17.38 -5.55
C14 ASD C . 0.34 -15.11 -4.61
C14 ASD C . -0.08 -15.94 -5.19
C15 ASD C . -0.99 -15.18 -5.36
C15 ASD C . -1.55 -15.86 -5.67
C16 ASD C . -0.68 -16.14 -6.51
C16 ASD C . -1.65 -16.89 -6.80
C17 ASD C . 0.54 -16.92 -6.08
C17 ASD C . -0.30 -17.52 -6.90
C18 ASD C . 0.00 -17.53 -3.80
C18 ASD C . -0.27 -18.47 -4.66
C19 ASD C . 1.16 -14.98 -0.18
C19 ASD C . 1.82 -16.40 -1.13
C2 ASD C . 3.50 -13.19 0.59
C2 ASD C . 4.37 -14.61 -0.88
C3 ASD C . 2.80 -11.87 0.65
C3 ASD C . 3.80 -13.25 -0.66
C4 ASD C . 1.66 -11.71 -0.24
C4 ASD C . 2.45 -13.03 -1.15
C5 ASD C . 1.18 -12.67 -1.04
C5 ASD C . 1.71 -13.99 -1.72
C6 ASD C . -0.10 -12.48 -1.78
C6 ASD C . 0.23 -13.79 -1.95
C7 ASD C . -0.09 -13.05 -3.20
C7 ASD C . -0.19 -14.16 -3.36
C8 ASD C . 0.38 -14.50 -3.19
C8 ASD C . 0.29 -15.57 -3.75
C9 ASD C . 1.79 -14.57 -2.62
C9 ASD C . 1.81 -15.68 -3.58
O1 ASD C . 3.17 -11.01 1.43
O1 ASD C . 4.40 -12.39 -0.04
O2 ASD C . 1.15 -17.72 -6.76
O2 ASD C . 0.18 -18.06 -7.87
H11 ASD C . 3.80 -14.86 -0.70
H11 ASD C . 4.24 -16.24 -2.23
H12 ASD C . 3.88 -13.33 -1.53
H12 ASD C . 4.17 -14.71 -3.02
H111 ASD C . 2.04 -16.66 -2.06
H111 ASD C . 3.47 -16.99 -4.09
H112 ASD C . 3.51 -15.89 -2.53
H112 ASD C . 2.12 -17.80 -3.39
H121 ASD C . 2.72 -17.58 -4.22
H121 ASD C . 2.32 -16.77 -6.25
H122 ASD C . 2.93 -16.01 -4.91
H122 ASD C . 2.27 -18.41 -5.75
H14 ASD C . 1.00 -14.51 -5.22
H14 ASD C . 0.48 -15.25 -5.82
H151 ASD C . -1.31 -14.20 -5.71
H151 ASD C . -2.25 -16.06 -4.86
H152 ASD C . -1.80 -15.54 -4.73
H152 ASD C . -1.80 -14.86 -6.02
H161 ASD C . -1.51 -16.82 -6.73
H161 ASD C . -2.41 -17.65 -6.61
H162 ASD C . -0.48 -15.63 -7.44
H162 ASD C . -1.93 -16.44 -7.75
H181 ASD C . -1.04 -17.54 -4.10
H181 ASD C . -1.35 -18.45 -4.69
H182 ASD C . 0.02 -17.29 -2.74
H182 ASD C . 0.02 -18.38 -3.62
H183 ASD C . 0.38 -18.55 -3.90
H183 ASD C . 0.04 -19.45 -4.98
H191 ASD C . 1.63 -15.97 -0.16
H191 ASD C . 2.22 -17.38 -1.37
H192 ASD C . 0.10 -15.14 -0.41
H192 ASD C . 0.74 -16.49 -1.09
H193 ASD C . 1.20 -14.62 0.85
H193 ASD C . 2.16 -16.17 -0.12
H21 ASD C . 3.15 -13.84 1.39
H21 ASD C . 5.47 -14.56 -0.94
H22 ASD C . 4.55 -13.03 0.82
H22 ASD C . 4.18 -15.22 0.00
H4 ASD C . 1.19 -10.72 -0.22
H4 ASD C . 2.07 -12.02 -1.03
H61 ASD C . -0.35 -11.42 -1.81
H61 ASD C . -0.02 -12.75 -1.75
H62 ASD C . -0.94 -12.91 -1.23
H62 ASD C . -0.36 -14.35 -1.23
H71 ASD C . 0.55 -12.44 -3.83
H71 ASD C . -1.28 -14.11 -3.45
H72 ASD C . -1.08 -12.97 -3.64
H72 ASD C . 0.19 -13.43 -4.07
H8 ASD C . -0.29 -15.06 -2.56
H8 ASD C . -0.19 -16.26 -3.07
H9 ASD C . 2.40 -13.89 -3.21
H9 ASD C . 2.23 -14.91 -4.22
CL CL D . 8.41 2.90 -5.16
C1 ASD E . -0.01 14.85 -2.26
C10 ASD E . 0.38 14.93 -0.78
C11 ASD E . 1.71 17.12 -1.17
C12 ASD E . 2.99 17.92 -0.95
C13 ASD E . 3.37 17.86 0.53
C14 ASD E . 3.60 16.39 0.91
C15 ASD E . 4.30 16.47 2.30
C16 ASD E . 5.12 17.76 2.22
C17 ASD E . 4.71 18.44 0.94
C18 ASD E . 2.32 18.56 1.42
C19 ASD E . -0.74 15.66 -0.02
C2 ASD E . -1.24 14.00 -2.51
C3 ASD E . -1.17 12.66 -1.85
C4 ASD E . -0.23 12.50 -0.75
C5 ASD E . 0.48 13.52 -0.24
C6 ASD E . 1.32 13.27 0.99
C7 ASD E . 2.62 14.06 1.04
C8 ASD E . 2.34 15.53 0.76
C9 ASD E . 1.75 15.67 -0.66
O1 ASD E . -1.90 11.74 -2.18
O2 ASD E . 5.33 19.28 0.34
H11 ASD E . -0.20 15.85 -2.65
H12 ASD E . 0.83 14.47 -2.85
H111 ASD E . 1.47 17.13 -2.23
H112 ASD E . 0.87 17.64 -0.70
H121 ASD E . 2.86 18.95 -1.26
H122 ASD E . 3.79 17.52 -1.56
H14 ASD E . 4.34 15.98 0.23
H151 ASD E . 4.92 15.60 2.48
H152 ASD E . 3.58 16.49 3.11
H161 ASD E . 4.95 18.41 3.08
H162 ASD E . 6.20 17.57 2.22
H181 ASD E . 2.57 18.53 2.48
H182 ASD E . 2.18 19.61 1.16
H183 ASD E . 1.35 18.08 1.32
H191 ASD E . -0.51 15.75 1.05
H192 ASD E . -1.69 15.14 -0.10
H193 ASD E . -0.89 16.68 -0.38
H21 ASD E . -1.42 13.89 -3.58
H22 ASD E . -2.14 14.49 -2.15
H4 ASD E . -0.15 11.50 -0.35
H61 ASD E . 0.72 13.50 1.87
H62 ASD E . 1.54 12.21 1.10
H71 ASD E . 3.32 13.66 0.31
H72 ASD E . 3.10 13.93 2.01
H8 ASD E . 1.61 15.86 1.48
H9 ASD E . 2.43 15.14 -1.32
MG MG F . 1.58 15.16 -15.64
MG MG G . -22.09 8.46 -0.19
CL CL H . 6.13 -1.34 -7.98
#